data_4FLU
#
_entry.id   4FLU
#
_cell.length_a   68.970
_cell.length_b   114.420
_cell.length_c   128.630
_cell.angle_alpha   90.00
_cell.angle_beta   90.00
_cell.angle_gamma   90.00
#
_symmetry.space_group_name_H-M   'P 21 21 21'
#
loop_
_entity.id
_entity.type
_entity.pdbx_description
1 polymer 'Pyrococcus abyssi B family DNA polymerase'
2 polymer 'Primer strand'
3 polymer 'Template strand'
4 non-polymer 'MAGNESIUM ION'
5 non-polymer '2-(N-MORPHOLINO)-ETHANESULFONIC ACID'
6 non-polymer GLYCEROL
7 water water
#
loop_
_entity_poly.entity_id
_entity_poly.type
_entity_poly.pdbx_seq_one_letter_code
_entity_poly.pdbx_strand_id
1 'polypeptide(L)'
;MGSSHHHHHHSSGLVPAGSHAGMIIDADYITEDGKPIIRIFKKEKGEFKVEYDRTFRPYIYALLKDDSAIDEVKKITAER
HGKIVRITEVEKVQKKFLGRPIEVWKLYLEHPQDVPAIREKIREHPAVVDIFEYDIPFAKRYLIDKGLTPMEGNEELTFL
AVDIETLYHEGEEFGKGPIIMISYADEEGAKVITWKSIDLPYVEVVSSEREMIKRLVKVIREKDPDVIITYNGDNFAFPY
LLKRAEKLGIKLPLGRDNSEPKMQRMGDSLAVEIKGRIHFDLFPVIRRTINLPTYTLEAVYEAIFGKSKEKVYAHEIAEA
WETGKGLERVAKYSMEDAKVTFELGKEFFPMEAQLARLVGQPVWDVSRSSTGNLVEWFLLRKAYERNELAPNKPDEREYE
RRLRESYEGGYVKEPEKGLWEGIVSLDFRSLYPSIIITHNVSPDTLNRENCKEYDVAPQVGHRFCKDFPGFIPSLLGNLL
EERQKIKKRMKESKDPVEKKLLDYRQRAIKILANSYYGYYGYAKARWYCKECAESVTAWGRQYIDLVRRELESRGFKVLY
IDTDGLYATIPGAKHEEIKEKALKFVEYINSKLPGLLELEYEGFYARGFFVTKKKYALIDEEGKIVTRGLEIVRRDWSEI
AKETQAKVLEAILKHGNVDEAVKIVKEVTEKLSKYEIPPEKLVIYEQITRPLSEYKAIGPHVAVAKRLAAKGVKVKPGMV
IGYIVLRGDGPISKRAIAIEEFDPKKHKYDAEYYIENQVLPAVERILRAFGYRKEDLKYQKTKQVGLGAWLKF
;
A
2 'polydeoxyribonucleotide' (DC)(DG)(DA)(DT)(DC)(DA)(DC)(DG)(DG)(DG)(DG) P
3 'polydeoxyribonucleotide' (DG)(DC)(DG)(DT)(DA)(DC)(DG)(DT)(DG)(DA)(DT)(DC)(DG) T
#
# COMPACT_ATOMS: atom_id res chain seq x y z
N HIS A 20 -14.68 -13.79 25.55
CA HIS A 20 -15.81 -13.50 26.43
C HIS A 20 -16.79 -12.53 25.78
N ALA A 21 -16.76 -11.27 26.20
CA ALA A 21 -17.69 -10.25 25.64
C ALA A 21 -17.07 -9.05 24.91
N GLY A 22 -15.78 -8.83 25.11
CA GLY A 22 -15.02 -7.72 24.55
C GLY A 22 -14.78 -7.72 23.04
N MET A 23 -14.29 -6.56 22.52
CA MET A 23 -13.87 -6.34 21.15
C MET A 23 -12.41 -6.73 21.01
N ILE A 24 -12.08 -7.63 20.06
CA ILE A 24 -10.69 -8.05 19.84
C ILE A 24 -9.98 -6.99 18.99
N ILE A 25 -8.84 -6.50 19.47
CA ILE A 25 -8.07 -5.45 18.77
C ILE A 25 -6.77 -6.03 18.20
N ASP A 26 -6.28 -7.15 18.74
CA ASP A 26 -5.08 -7.81 18.24
C ASP A 26 -4.86 -9.17 18.89
N ALA A 27 -3.96 -9.93 18.28
CA ALA A 27 -3.55 -11.23 18.77
C ALA A 27 -2.08 -11.47 18.38
N ASP A 28 -1.34 -12.16 19.26
CA ASP A 28 0.03 -12.57 19.04
C ASP A 28 0.30 -13.82 19.84
N TYR A 29 1.56 -14.27 19.90
CA TYR A 29 1.94 -15.38 20.77
C TYR A 29 3.29 -15.06 21.42
N ILE A 30 3.44 -15.61 22.62
CA ILE A 30 4.63 -15.55 23.43
C ILE A 30 5.04 -17.00 23.65
N THR A 31 6.31 -17.22 24.04
CA THR A 31 6.82 -18.55 24.31
C THR A 31 7.13 -18.59 25.78
N GLU A 32 6.62 -19.60 26.47
CA GLU A 32 6.82 -19.75 27.93
C GLU A 32 7.13 -21.19 28.20
N ASP A 33 8.34 -21.43 28.72
CA ASP A 33 8.92 -22.75 28.97
C ASP A 33 9.00 -23.53 27.64
N GLY A 34 9.35 -22.80 26.57
CA GLY A 34 9.52 -23.30 25.22
C GLY A 34 8.26 -23.60 24.46
N LYS A 35 7.11 -23.32 25.09
CA LYS A 35 5.83 -23.61 24.48
C LYS A 35 5.07 -22.32 24.12
N PRO A 36 4.32 -22.34 22.99
CA PRO A 36 3.58 -21.14 22.60
C PRO A 36 2.31 -20.91 23.42
N ILE A 37 2.04 -19.63 23.68
CA ILE A 37 0.84 -19.15 24.35
C ILE A 37 0.27 -18.07 23.51
N ILE A 38 -0.97 -18.24 23.08
CA ILE A 38 -1.64 -17.21 22.31
C ILE A 38 -2.12 -16.14 23.29
N ARG A 39 -2.01 -14.84 22.89
CA ARG A 39 -2.53 -13.70 23.63
C ARG A 39 -3.54 -12.99 22.76
N ILE A 40 -4.77 -12.79 23.28
CA ILE A 40 -5.87 -12.08 22.62
C ILE A 40 -6.06 -10.79 23.37
N PHE A 41 -5.76 -9.68 22.69
CA PHE A 41 -5.88 -8.34 23.26
C PHE A 41 -7.31 -7.82 23.04
N LYS A 42 -7.98 -7.51 24.14
CA LYS A 42 -9.37 -7.09 24.10
C LYS A 42 -9.68 -5.79 24.83
N LYS A 43 -10.77 -5.12 24.40
CA LYS A 43 -11.32 -3.94 25.06
C LYS A 43 -12.76 -4.27 25.49
N GLU A 44 -13.00 -4.32 26.79
CA GLU A 44 -14.30 -4.69 27.35
C GLU A 44 -14.82 -3.55 28.26
N LYS A 45 -15.83 -2.81 27.75
CA LYS A 45 -16.47 -1.68 28.41
C LYS A 45 -15.42 -0.74 28.97
N GLY A 46 -14.51 -0.31 28.11
CA GLY A 46 -13.42 0.61 28.43
C GLY A 46 -12.16 0.01 29.03
N GLU A 47 -12.20 -1.27 29.43
CA GLU A 47 -11.07 -1.92 30.08
C GLU A 47 -10.26 -2.80 29.15
N PHE A 48 -8.92 -2.70 29.29
CA PHE A 48 -7.99 -3.53 28.56
C PHE A 48 -7.92 -4.87 29.25
N LYS A 49 -8.06 -5.94 28.46
CA LYS A 49 -8.03 -7.31 28.95
C LYS A 49 -7.18 -8.16 28.01
N VAL A 50 -6.44 -9.12 28.61
CA VAL A 50 -5.62 -10.09 27.85
C VAL A 50 -6.14 -11.47 28.17
N GLU A 51 -6.44 -12.25 27.15
CA GLU A 51 -6.81 -13.62 27.35
C GLU A 51 -5.66 -14.48 26.90
N TYR A 52 -5.37 -15.57 27.60
CA TYR A 52 -4.27 -16.45 27.23
C TYR A 52 -4.83 -17.81 26.83
N ASP A 53 -4.25 -18.42 25.80
CA ASP A 53 -4.61 -19.76 25.38
C ASP A 53 -3.33 -20.56 25.11
N ARG A 54 -3.11 -21.58 25.96
CA ARG A 54 -1.98 -22.50 25.89
C ARG A 54 -2.28 -23.76 25.06
N THR A 55 -3.56 -24.00 24.72
CA THR A 55 -4.07 -25.24 24.10
C THR A 55 -4.01 -25.31 22.54
N PHE A 56 -3.88 -24.17 21.85
CA PHE A 56 -3.87 -24.20 20.39
C PHE A 56 -2.56 -24.75 19.85
N ARG A 57 -2.65 -25.78 19.01
CA ARG A 57 -1.49 -26.45 18.43
C ARG A 57 -1.22 -26.10 16.95
N PRO A 58 0.07 -25.79 16.65
CA PRO A 58 0.51 -25.60 15.25
C PRO A 58 0.37 -26.88 14.43
N TYR A 59 0.15 -26.73 13.11
CA TYR A 59 0.00 -27.88 12.20
C TYR A 59 0.18 -27.47 10.74
N ILE A 60 0.39 -28.50 9.90
CA ILE A 60 0.48 -28.45 8.44
C ILE A 60 -0.24 -29.69 7.97
N TYR A 61 -0.49 -29.79 6.66
CA TYR A 61 -1.12 -30.96 6.07
C TYR A 61 -0.16 -31.59 5.12
N ALA A 62 -0.24 -32.91 4.96
CA ALA A 62 0.57 -33.62 4.00
C ALA A 62 -0.30 -34.58 3.27
N LEU A 63 -0.26 -34.50 1.92
CA LEU A 63 -0.97 -35.43 1.05
C LEU A 63 -0.03 -36.57 0.79
N LEU A 64 -0.44 -37.80 1.15
CA LEU A 64 0.42 -38.95 0.98
C LEU A 64 -0.04 -39.82 -0.20
N LYS A 65 0.91 -40.57 -0.81
CA LYS A 65 0.62 -41.49 -1.91
C LYS A 65 -0.25 -42.62 -1.44
N ASP A 66 -0.12 -42.99 -0.16
CA ASP A 66 -0.85 -44.08 0.49
C ASP A 66 -0.84 -43.90 2.01
N ASP A 67 -1.88 -44.42 2.69
CA ASP A 67 -2.04 -44.35 4.15
C ASP A 67 -0.89 -45.01 4.93
N SER A 68 -0.33 -46.13 4.41
CA SER A 68 0.79 -46.83 5.03
C SER A 68 2.01 -45.94 5.27
N ALA A 69 2.21 -44.93 4.42
CA ALA A 69 3.32 -43.98 4.43
C ALA A 69 3.43 -43.17 5.73
N ILE A 70 2.28 -42.90 6.40
CA ILE A 70 2.24 -42.10 7.63
C ILE A 70 3.24 -42.60 8.68
N ASP A 71 3.50 -43.92 8.72
CA ASP A 71 4.40 -44.53 9.69
C ASP A 71 5.85 -44.08 9.48
N GLU A 72 6.26 -43.81 8.23
CA GLU A 72 7.60 -43.25 7.91
C GLU A 72 7.62 -41.71 8.11
N VAL A 73 6.53 -41.03 7.70
CA VAL A 73 6.35 -39.57 7.72
C VAL A 73 6.26 -39.03 9.17
N LYS A 74 5.49 -39.68 10.06
CA LYS A 74 5.34 -39.23 11.45
C LYS A 74 6.69 -39.30 12.22
N LYS A 75 7.66 -40.07 11.66
CA LYS A 75 8.99 -40.28 12.28
C LYS A 75 10.04 -39.24 11.76
N ILE A 76 9.66 -38.36 10.81
CA ILE A 76 10.55 -37.31 10.31
C ILE A 76 10.82 -36.32 11.47
N THR A 77 12.09 -35.87 11.60
CA THR A 77 12.52 -34.90 12.61
C THR A 77 13.34 -33.78 11.96
N ALA A 78 13.62 -32.71 12.75
CA ALA A 78 14.42 -31.52 12.38
C ALA A 78 15.08 -30.97 13.63
N GLU A 79 15.84 -29.87 13.52
CA GLU A 79 16.50 -29.23 14.68
C GLU A 79 16.14 -27.74 14.78
N ARG A 80 16.04 -27.25 16.01
CA ARG A 80 15.75 -25.85 16.36
C ARG A 80 16.10 -25.59 17.81
N HIS A 81 16.73 -24.44 18.07
CA HIS A 81 17.12 -24.01 19.42
C HIS A 81 17.99 -25.11 20.12
N GLY A 82 18.83 -25.79 19.35
CA GLY A 82 19.69 -26.86 19.86
C GLY A 82 18.98 -28.16 20.22
N LYS A 83 17.65 -28.21 20.13
CA LYS A 83 16.84 -29.39 20.42
C LYS A 83 16.25 -29.95 19.13
N ILE A 84 15.87 -31.24 19.15
CA ILE A 84 15.29 -31.88 17.97
C ILE A 84 13.79 -31.54 17.94
N VAL A 85 13.25 -31.44 16.73
CA VAL A 85 11.85 -31.12 16.45
C VAL A 85 11.15 -32.36 15.93
N ARG A 86 10.03 -32.74 16.54
CA ARG A 86 9.27 -33.92 16.14
C ARG A 86 7.84 -33.55 15.82
N ILE A 87 7.16 -34.41 15.06
CA ILE A 87 5.71 -34.33 14.79
C ILE A 87 5.06 -34.94 16.06
N THR A 88 4.25 -34.16 16.79
CA THR A 88 3.71 -34.58 18.07
C THR A 88 2.53 -35.53 17.91
N GLU A 89 1.67 -35.26 16.94
CA GLU A 89 0.48 -36.05 16.65
C GLU A 89 0.19 -35.93 15.18
N VAL A 90 -0.40 -36.99 14.61
CA VAL A 90 -0.85 -37.05 13.20
C VAL A 90 -2.34 -37.40 13.26
N GLU A 91 -3.11 -36.89 12.29
CA GLU A 91 -4.57 -37.11 12.25
C GLU A 91 -5.06 -37.19 10.82
N LYS A 92 -5.71 -38.30 10.44
CA LYS A 92 -6.24 -38.41 9.07
C LYS A 92 -7.53 -37.56 8.94
N VAL A 93 -7.58 -36.63 7.96
CA VAL A 93 -8.75 -35.76 7.83
C VAL A 93 -9.27 -35.75 6.39
N GLN A 94 -10.58 -35.50 6.27
CA GLN A 94 -11.28 -35.42 4.99
C GLN A 94 -11.59 -33.97 4.73
N LYS A 95 -11.12 -33.46 3.62
CA LYS A 95 -11.30 -32.06 3.23
C LYS A 95 -11.61 -32.01 1.75
N LYS A 96 -11.66 -30.78 1.21
CA LYS A 96 -11.88 -30.55 -0.20
C LYS A 96 -10.72 -29.79 -0.77
N PHE A 97 -10.22 -30.23 -1.93
CA PHE A 97 -9.20 -29.56 -2.69
C PHE A 97 -9.70 -29.40 -4.10
N LEU A 98 -9.78 -28.13 -4.59
CA LEU A 98 -10.27 -27.79 -5.93
C LEU A 98 -11.66 -28.43 -6.16
N GLY A 99 -12.56 -28.25 -5.20
CA GLY A 99 -13.90 -28.82 -5.26
C GLY A 99 -13.99 -30.35 -5.40
N ARG A 100 -13.05 -31.07 -4.76
CA ARG A 100 -12.97 -32.53 -4.80
C ARG A 100 -12.60 -33.07 -3.44
N PRO A 101 -13.20 -34.19 -2.96
CA PRO A 101 -12.80 -34.75 -1.66
C PRO A 101 -11.35 -35.20 -1.71
N ILE A 102 -10.66 -34.99 -0.60
CA ILE A 102 -9.25 -35.36 -0.51
C ILE A 102 -8.98 -35.79 0.93
N GLU A 103 -8.07 -36.75 1.09
CA GLU A 103 -7.66 -37.23 2.40
C GLU A 103 -6.22 -36.79 2.66
N VAL A 104 -6.03 -35.96 3.68
CA VAL A 104 -4.70 -35.52 4.02
C VAL A 104 -4.43 -35.83 5.48
N TRP A 105 -3.17 -35.74 5.87
CA TRP A 105 -2.76 -35.97 7.24
C TRP A 105 -2.40 -34.66 7.86
N LYS A 106 -3.08 -34.35 8.96
CA LYS A 106 -2.82 -33.16 9.76
C LYS A 106 -1.64 -33.50 10.66
N LEU A 107 -0.51 -32.81 10.49
CA LEU A 107 0.69 -33.07 11.28
C LEU A 107 0.84 -31.96 12.30
N TYR A 108 0.73 -32.30 13.61
CA TYR A 108 0.84 -31.35 14.69
C TYR A 108 2.29 -31.16 15.12
N LEU A 109 2.65 -29.92 15.51
CA LEU A 109 3.99 -29.57 15.98
C LEU A 109 3.86 -28.86 17.33
N GLU A 110 4.94 -28.84 18.17
CA GLU A 110 4.80 -28.22 19.48
C GLU A 110 4.78 -26.69 19.40
N HIS A 111 5.74 -26.12 18.64
CA HIS A 111 5.94 -24.68 18.50
C HIS A 111 5.79 -24.17 17.06
N PRO A 112 5.21 -22.95 16.81
CA PRO A 112 5.11 -22.41 15.44
C PRO A 112 6.42 -22.40 14.68
N GLN A 113 7.52 -22.12 15.39
CA GLN A 113 8.81 -22.06 14.74
C GLN A 113 9.30 -23.46 14.32
N ASP A 114 8.58 -24.54 14.69
CA ASP A 114 8.92 -25.90 14.25
C ASP A 114 8.52 -26.08 12.77
N VAL A 115 7.47 -25.38 12.33
CA VAL A 115 6.93 -25.46 10.97
C VAL A 115 8.01 -25.07 9.94
N PRO A 116 8.73 -23.88 9.97
CA PRO A 116 9.78 -23.66 8.96
C PRO A 116 10.96 -24.63 9.08
N ALA A 117 11.25 -25.13 10.30
CA ALA A 117 12.36 -26.06 10.53
C ALA A 117 12.14 -27.47 9.90
N ILE A 118 10.90 -28.00 9.94
CA ILE A 118 10.60 -29.35 9.48
C ILE A 118 9.89 -29.43 8.11
N ARG A 119 9.09 -28.40 7.69
CA ARG A 119 8.25 -28.45 6.46
C ARG A 119 9.00 -28.98 5.20
N GLU A 120 10.25 -28.56 4.94
CA GLU A 120 10.94 -29.01 3.73
C GLU A 120 11.35 -30.46 3.82
N LYS A 121 11.61 -30.97 5.05
CA LYS A 121 11.96 -32.38 5.28
C LYS A 121 10.73 -33.29 5.12
N ILE A 122 9.52 -32.72 5.21
CA ILE A 122 8.33 -33.53 5.01
C ILE A 122 8.07 -33.53 3.49
N ARG A 123 8.13 -32.34 2.86
CA ARG A 123 7.91 -32.16 1.43
C ARG A 123 8.85 -33.02 0.59
N GLU A 124 10.12 -33.17 1.02
CA GLU A 124 11.14 -33.92 0.29
C GLU A 124 10.88 -35.43 0.26
N HIS A 125 10.12 -35.95 1.25
CA HIS A 125 9.85 -37.38 1.37
C HIS A 125 9.14 -37.99 0.12
N PRO A 126 9.66 -39.15 -0.39
CA PRO A 126 9.11 -39.76 -1.62
C PRO A 126 7.65 -40.20 -1.53
N ALA A 127 7.14 -40.40 -0.31
CA ALA A 127 5.75 -40.81 -0.08
C ALA A 127 4.81 -39.60 0.02
N VAL A 128 5.38 -38.38 0.13
CA VAL A 128 4.61 -37.15 0.27
C VAL A 128 4.38 -36.48 -1.12
N VAL A 129 3.10 -36.35 -1.50
CA VAL A 129 2.68 -35.78 -2.78
C VAL A 129 2.91 -34.26 -2.72
N ASP A 130 2.42 -33.60 -1.65
CA ASP A 130 2.59 -32.18 -1.41
C ASP A 130 2.24 -31.92 0.03
N ILE A 131 2.58 -30.72 0.50
CA ILE A 131 2.26 -30.19 1.83
C ILE A 131 1.40 -28.94 1.64
N PHE A 132 0.60 -28.60 2.66
CA PHE A 132 -0.32 -27.48 2.57
C PHE A 132 -0.39 -26.69 3.87
N GLU A 133 -0.80 -25.42 3.79
CA GLU A 133 -1.04 -24.52 4.92
C GLU A 133 0.15 -24.54 5.88
N TYR A 134 1.36 -24.33 5.31
CA TYR A 134 2.62 -24.37 6.04
C TYR A 134 3.30 -22.99 6.22
N ASP A 135 2.61 -21.91 5.84
CA ASP A 135 3.15 -20.55 5.93
C ASP A 135 2.11 -19.56 6.47
N ILE A 136 1.12 -20.04 7.27
CA ILE A 136 0.09 -19.21 7.90
C ILE A 136 0.58 -18.80 9.30
N PRO A 137 0.83 -17.51 9.64
CA PRO A 137 1.32 -17.19 11.01
C PRO A 137 0.37 -17.64 12.11
N PHE A 138 0.92 -18.14 13.21
CA PHE A 138 0.18 -18.70 14.35
C PHE A 138 -0.97 -17.82 14.85
N ALA A 139 -0.73 -16.52 15.04
CA ALA A 139 -1.77 -15.62 15.53
C ALA A 139 -2.92 -15.52 14.52
N LYS A 140 -2.62 -15.58 13.20
CA LYS A 140 -3.63 -15.53 12.13
C LYS A 140 -4.32 -16.90 12.03
N ARG A 141 -3.53 -18.00 12.18
CA ARG A 141 -4.03 -19.37 12.22
C ARG A 141 -5.03 -19.52 13.36
N TYR A 142 -4.70 -18.91 14.52
CA TYR A 142 -5.57 -18.95 15.71
C TYR A 142 -6.91 -18.24 15.48
N LEU A 143 -6.91 -17.00 14.95
CA LEU A 143 -8.14 -16.25 14.73
C LEU A 143 -9.09 -16.94 13.76
N ILE A 144 -8.53 -17.61 12.73
CA ILE A 144 -9.31 -18.33 11.73
C ILE A 144 -9.94 -19.58 12.37
N ASP A 145 -9.08 -20.49 12.88
CA ASP A 145 -9.49 -21.78 13.43
C ASP A 145 -10.48 -21.65 14.57
N LYS A 146 -10.35 -20.58 15.39
CA LYS A 146 -11.25 -20.37 16.54
C LYS A 146 -12.49 -19.52 16.19
N GLY A 147 -12.59 -19.09 14.93
CA GLY A 147 -13.70 -18.27 14.44
C GLY A 147 -13.79 -16.92 15.10
N LEU A 148 -12.64 -16.31 15.37
CA LEU A 148 -12.58 -15.03 16.07
C LEU A 148 -12.38 -13.88 15.11
N THR A 149 -13.24 -12.85 15.26
CA THR A 149 -13.22 -11.68 14.38
C THR A 149 -12.87 -10.41 15.16
N PRO A 150 -11.76 -9.74 14.79
CA PRO A 150 -11.41 -8.47 15.45
C PRO A 150 -12.39 -7.35 15.13
N MET A 151 -12.46 -6.34 15.98
CA MET A 151 -13.23 -5.10 15.80
C MET A 151 -14.75 -5.27 15.75
N GLU A 152 -15.30 -6.26 16.48
CA GLU A 152 -16.76 -6.42 16.52
C GLU A 152 -17.35 -5.66 17.68
N GLY A 153 -18.57 -5.16 17.53
CA GLY A 153 -19.21 -4.44 18.60
C GLY A 153 -19.09 -2.92 18.51
N ASN A 154 -19.63 -2.24 19.53
CA ASN A 154 -19.71 -0.77 19.58
C ASN A 154 -18.69 -0.18 20.57
N GLU A 155 -17.68 -0.98 20.96
CA GLU A 155 -16.61 -0.59 21.89
C GLU A 155 -15.84 0.61 21.33
N GLU A 156 -15.76 1.73 22.11
CA GLU A 156 -15.09 2.97 21.69
C GLU A 156 -13.63 2.94 22.13
N LEU A 157 -12.70 3.01 21.15
CA LEU A 157 -11.27 3.03 21.40
C LEU A 157 -10.74 4.45 21.65
N THR A 158 -9.56 4.54 22.29
CA THR A 158 -8.92 5.83 22.52
C THR A 158 -7.73 5.96 21.59
N PHE A 159 -7.49 7.19 21.15
CA PHE A 159 -6.46 7.50 20.18
C PHE A 159 -5.50 8.55 20.67
N LEU A 160 -4.24 8.41 20.26
CA LEU A 160 -3.17 9.38 20.53
C LEU A 160 -2.26 9.48 19.33
N ALA A 161 -2.09 10.68 18.76
CA ALA A 161 -1.18 10.90 17.64
C ALA A 161 0.17 11.23 18.20
N VAL A 162 1.25 10.74 17.59
CA VAL A 162 2.62 10.98 18.06
C VAL A 162 3.49 11.36 16.87
N ASP A 163 4.42 12.32 17.08
CA ASP A 163 5.33 12.76 16.03
C ASP A 163 6.62 13.26 16.67
N ILE A 164 7.71 13.36 15.87
CA ILE A 164 9.01 13.85 16.35
C ILE A 164 9.64 14.79 15.35
N GLU A 165 10.50 15.70 15.81
CA GLU A 165 11.31 16.53 14.93
C GLU A 165 12.74 16.22 15.30
N THR A 166 13.63 16.20 14.30
CA THR A 166 15.05 15.90 14.52
C THR A 166 15.96 16.97 13.90
N LEU A 167 17.24 16.92 14.26
CA LEU A 167 18.29 17.75 13.71
C LEU A 167 18.98 16.98 12.59
N TYR A 168 18.75 17.38 11.31
CA TYR A 168 19.30 16.66 10.15
C TYR A 168 20.16 17.54 9.27
N HIS A 169 21.30 17.00 8.82
CA HIS A 169 22.21 17.61 7.83
C HIS A 169 22.36 16.64 6.67
N GLU A 170 22.39 17.16 5.46
CA GLU A 170 22.46 16.39 4.22
C GLU A 170 23.48 15.22 4.30
N GLY A 171 22.96 14.02 4.00
CA GLY A 171 23.70 12.76 3.93
C GLY A 171 24.15 12.09 5.21
N GLU A 172 23.66 12.53 6.38
CA GLU A 172 24.02 11.96 7.69
C GLU A 172 23.49 10.56 7.84
N GLU A 173 24.21 9.73 8.62
CA GLU A 173 23.75 8.37 8.95
C GLU A 173 22.47 8.49 9.74
N PHE A 174 21.54 7.54 9.56
CA PHE A 174 20.24 7.62 10.23
C PHE A 174 20.40 7.65 11.76
N GLY A 175 19.81 8.64 12.40
CA GLY A 175 19.89 8.77 13.85
C GLY A 175 21.10 9.51 14.41
N LYS A 176 21.99 10.08 13.55
CA LYS A 176 23.18 10.83 14.00
C LYS A 176 22.81 12.05 14.85
N GLY A 177 21.84 12.83 14.36
CA GLY A 177 21.37 14.03 15.03
C GLY A 177 20.36 13.72 16.11
N PRO A 178 20.25 14.54 17.17
CA PRO A 178 19.27 14.23 18.21
C PRO A 178 17.84 14.52 17.78
N ILE A 179 16.89 13.94 18.53
CA ILE A 179 15.49 14.29 18.41
C ILE A 179 15.40 15.62 19.15
N ILE A 180 14.84 16.65 18.53
CA ILE A 180 14.84 17.95 19.17
C ILE A 180 13.47 18.32 19.72
N MET A 181 12.42 17.68 19.22
CA MET A 181 11.04 17.84 19.68
C MET A 181 10.27 16.53 19.55
N ILE A 182 9.30 16.34 20.43
CA ILE A 182 8.35 15.23 20.39
C ILE A 182 6.97 15.85 20.57
N SER A 183 6.07 15.60 19.65
CA SER A 183 4.75 16.16 19.78
C SER A 183 3.75 15.03 19.82
N TYR A 184 2.64 15.29 20.49
CA TYR A 184 1.52 14.37 20.59
C TYR A 184 0.24 15.19 20.59
N ALA A 185 -0.87 14.52 20.27
CA ALA A 185 -2.17 15.15 20.21
C ALA A 185 -3.26 14.13 20.35
N ASP A 186 -4.31 14.54 20.99
CA ASP A 186 -5.55 13.82 21.18
C ASP A 186 -6.66 14.91 21.30
N GLU A 187 -7.83 14.58 21.88
CA GLU A 187 -8.92 15.55 21.98
C GLU A 187 -8.63 16.69 22.97
N GLU A 188 -7.67 16.45 23.91
CA GLU A 188 -7.26 17.43 24.93
C GLU A 188 -6.35 18.55 24.33
N GLY A 189 -5.93 18.36 23.08
CA GLY A 189 -5.11 19.32 22.36
C GLY A 189 -3.80 18.74 21.88
N ALA A 190 -3.03 19.55 21.14
CA ALA A 190 -1.71 19.18 20.61
C ALA A 190 -0.63 19.80 21.49
N LYS A 191 0.41 19.00 21.87
CA LYS A 191 1.46 19.46 22.76
C LYS A 191 2.85 19.16 22.19
N VAL A 192 3.87 19.95 22.60
CA VAL A 192 5.26 19.78 22.14
C VAL A 192 6.16 19.64 23.38
N ILE A 193 7.08 18.65 23.34
CA ILE A 193 8.09 18.43 24.37
C ILE A 193 9.41 18.72 23.70
N THR A 194 10.19 19.67 24.25
CA THR A 194 11.47 20.07 23.67
C THR A 194 12.46 20.36 24.77
N TRP A 195 13.77 20.34 24.42
CA TRP A 195 14.81 20.53 25.41
C TRP A 195 15.61 21.84 25.19
N LYS A 196 14.96 22.82 24.54
CA LYS A 196 15.42 24.21 24.34
C LYS A 196 14.25 25.14 24.69
N SER A 197 14.55 26.29 25.31
CA SER A 197 13.55 27.22 25.77
C SER A 197 12.76 27.89 24.64
N ILE A 198 11.44 27.59 24.57
CA ILE A 198 10.51 28.16 23.57
C ILE A 198 9.30 28.60 24.35
N ASP A 199 8.91 29.86 24.25
CA ASP A 199 7.79 30.32 25.06
C ASP A 199 6.46 30.32 24.30
N LEU A 200 5.80 29.14 24.28
CA LEU A 200 4.49 28.94 23.66
C LEU A 200 3.62 28.15 24.62
N PRO A 201 2.27 28.31 24.61
CA PRO A 201 1.46 27.66 25.66
C PRO A 201 1.49 26.16 25.60
N TYR A 202 1.66 25.56 24.44
CA TYR A 202 1.62 24.11 24.26
C TYR A 202 3.00 23.46 24.29
N VAL A 203 4.03 24.22 24.70
CA VAL A 203 5.41 23.69 24.70
C VAL A 203 5.88 23.41 26.16
N GLU A 204 6.30 22.15 26.41
CA GLU A 204 6.87 21.70 27.69
C GLU A 204 8.36 21.64 27.49
N VAL A 205 9.10 22.50 28.21
CA VAL A 205 10.57 22.52 28.07
C VAL A 205 11.17 21.62 29.14
N VAL A 206 11.98 20.64 28.73
CA VAL A 206 12.67 19.69 29.60
C VAL A 206 14.18 19.91 29.43
N SER A 207 15.01 19.29 30.27
CA SER A 207 16.45 19.53 30.31
C SER A 207 17.26 18.91 29.17
N SER A 208 16.88 17.73 28.68
CA SER A 208 17.69 17.06 27.67
C SER A 208 16.86 16.21 26.73
N GLU A 209 17.51 15.61 25.72
CA GLU A 209 16.88 14.71 24.78
C GLU A 209 16.37 13.49 25.55
N ARG A 210 17.19 13.00 26.48
CA ARG A 210 16.88 11.87 27.34
C ARG A 210 15.60 12.16 28.12
N GLU A 211 15.52 13.35 28.74
CA GLU A 211 14.34 13.69 29.54
C GLU A 211 13.08 13.88 28.67
N MET A 212 13.24 14.33 27.43
CA MET A 212 12.13 14.51 26.50
C MET A 212 11.54 13.14 26.10
N ILE A 213 12.42 12.14 25.82
CA ILE A 213 12.00 10.82 25.39
C ILE A 213 11.31 10.16 26.59
N LYS A 214 11.87 10.34 27.82
CA LYS A 214 11.24 9.76 29.00
C LYS A 214 9.87 10.40 29.23
N ARG A 215 9.69 11.70 28.90
CA ARG A 215 8.39 12.36 29.04
C ARG A 215 7.36 11.75 28.04
N LEU A 216 7.79 11.39 26.79
CA LEU A 216 6.93 10.78 25.79
C LEU A 216 6.44 9.46 26.34
N VAL A 217 7.37 8.66 26.91
CA VAL A 217 7.06 7.37 27.54
C VAL A 217 5.99 7.57 28.61
N LYS A 218 6.12 8.59 29.47
CA LYS A 218 5.16 8.87 30.54
C LYS A 218 3.78 9.24 29.99
N VAL A 219 3.72 10.13 28.99
CA VAL A 219 2.46 10.53 28.33
C VAL A 219 1.71 9.29 27.75
N ILE A 220 2.45 8.43 27.05
CA ILE A 220 1.87 7.23 26.45
C ILE A 220 1.42 6.27 27.55
N ARG A 221 2.22 6.09 28.63
CA ARG A 221 1.85 5.17 29.71
C ARG A 221 0.66 5.69 30.48
N GLU A 222 0.58 7.03 30.65
CA GLU A 222 -0.52 7.63 31.41
C GLU A 222 -1.79 7.68 30.63
N LYS A 223 -1.74 8.11 29.34
CA LYS A 223 -2.92 8.23 28.51
C LYS A 223 -3.45 6.85 28.11
N ASP A 224 -2.55 5.83 28.15
CA ASP A 224 -2.83 4.44 27.82
C ASP A 224 -3.74 4.34 26.54
N PRO A 225 -3.32 4.94 25.39
CA PRO A 225 -4.17 4.86 24.19
C PRO A 225 -4.25 3.45 23.61
N ASP A 226 -5.40 3.12 23.05
CA ASP A 226 -5.58 1.86 22.38
C ASP A 226 -4.93 1.92 21.01
N VAL A 227 -4.94 3.15 20.41
CA VAL A 227 -4.38 3.39 19.07
C VAL A 227 -3.35 4.54 19.09
N ILE A 228 -2.12 4.26 18.61
CA ILE A 228 -1.08 5.27 18.45
C ILE A 228 -1.03 5.61 16.95
N ILE A 229 -1.43 6.85 16.58
CA ILE A 229 -1.44 7.31 15.20
C ILE A 229 -0.13 8.03 14.88
N THR A 230 0.51 7.66 13.76
CA THR A 230 1.72 8.34 13.28
C THR A 230 1.58 8.59 11.78
N TYR A 231 2.46 9.41 11.24
CA TYR A 231 2.56 9.63 9.82
C TYR A 231 3.97 9.23 9.45
N ASN A 232 4.10 8.00 8.87
CA ASN A 232 5.37 7.36 8.50
C ASN A 232 6.16 6.98 9.79
N GLY A 233 5.44 6.61 10.85
CA GLY A 233 6.08 6.19 12.08
C GLY A 233 6.81 4.87 11.95
N ASP A 234 6.37 4.02 11.04
CA ASP A 234 6.99 2.72 10.78
C ASP A 234 8.42 2.88 10.30
N ASN A 235 8.67 3.87 9.43
CA ASN A 235 9.96 4.08 8.80
C ASN A 235 10.68 5.38 9.22
N PHE A 236 10.13 6.16 10.15
CA PHE A 236 10.86 7.32 10.65
C PHE A 236 10.72 7.50 12.17
N ALA A 237 9.59 8.00 12.68
CA ALA A 237 9.44 8.31 14.10
C ALA A 237 9.89 7.19 15.01
N PHE A 238 9.34 5.96 14.87
CA PHE A 238 9.69 4.88 15.83
C PHE A 238 11.10 4.33 15.60
N PRO A 239 11.62 4.08 14.37
CA PRO A 239 13.02 3.64 14.25
C PRO A 239 13.97 4.68 14.81
N TYR A 240 13.65 6.00 14.64
CA TYR A 240 14.50 7.10 15.15
C TYR A 240 14.49 7.14 16.68
N LEU A 241 13.29 7.01 17.30
CA LEU A 241 13.15 6.94 18.76
C LEU A 241 13.96 5.76 19.33
N LEU A 242 13.87 4.59 18.70
CA LEU A 242 14.59 3.41 19.12
C LEU A 242 16.09 3.61 18.99
N LYS A 243 16.56 4.27 17.89
CA LYS A 243 18.01 4.55 17.67
C LYS A 243 18.58 5.47 18.75
N ARG A 244 17.86 6.57 19.05
CA ARG A 244 18.28 7.54 20.05
C ARG A 244 18.16 6.97 21.46
N ALA A 245 17.13 6.16 21.74
CA ALA A 245 16.97 5.55 23.07
C ALA A 245 18.12 4.59 23.33
N GLU A 246 18.58 3.89 22.27
CA GLU A 246 19.71 2.95 22.33
C GLU A 246 20.99 3.73 22.64
N LYS A 247 21.22 4.86 21.90
CA LYS A 247 22.37 5.75 22.05
C LYS A 247 22.44 6.16 23.51
N LEU A 248 21.31 6.72 24.03
CA LEU A 248 21.12 7.29 25.38
C LEU A 248 20.96 6.23 26.46
N GLY A 249 20.88 4.96 26.07
CA GLY A 249 20.75 3.84 26.99
C GLY A 249 19.52 3.87 27.86
N ILE A 250 18.38 4.19 27.26
CA ILE A 250 17.11 4.22 27.98
C ILE A 250 16.15 3.29 27.24
N LYS A 251 15.17 2.76 27.97
CA LYS A 251 14.18 1.85 27.44
C LYS A 251 12.91 2.63 27.08
N LEU A 252 12.11 2.10 26.13
CA LEU A 252 10.82 2.68 25.71
C LEU A 252 9.68 1.70 26.03
N PRO A 253 9.29 1.52 27.32
CA PRO A 253 8.23 0.56 27.65
C PRO A 253 6.83 1.07 27.25
N LEU A 254 6.57 1.05 25.93
CA LEU A 254 5.32 1.55 25.36
C LEU A 254 4.25 0.46 25.21
N GLY A 255 4.68 -0.80 25.18
CA GLY A 255 3.77 -1.94 25.16
C GLY A 255 2.98 -2.03 26.45
N ARG A 256 1.76 -2.58 26.39
CA ARG A 256 0.91 -2.69 27.60
C ARG A 256 1.43 -3.80 28.53
N ASP A 257 2.43 -4.56 28.06
CA ASP A 257 3.15 -5.60 28.82
C ASP A 257 4.57 -5.05 29.15
N ASN A 258 4.76 -3.72 28.98
CA ASN A 258 6.01 -2.95 29.19
C ASN A 258 7.10 -3.26 28.14
N SER A 259 6.73 -3.94 27.05
CA SER A 259 7.69 -4.25 25.99
C SER A 259 8.00 -2.99 25.17
N GLU A 260 9.12 -3.05 24.44
CA GLU A 260 9.55 -1.93 23.60
C GLU A 260 8.86 -1.97 22.22
N PRO A 261 8.70 -0.84 21.47
CA PRO A 261 8.11 -0.95 20.13
C PRO A 261 8.94 -1.93 19.30
N LYS A 262 8.29 -2.80 18.50
CA LYS A 262 9.00 -3.85 17.78
C LYS A 262 8.97 -3.59 16.30
N MET A 263 10.17 -3.44 15.74
CA MET A 263 10.45 -3.23 14.34
C MET A 263 10.45 -4.56 13.62
N GLN A 264 9.53 -4.72 12.67
CA GLN A 264 9.38 -5.91 11.84
C GLN A 264 9.76 -5.53 10.42
N ARG A 265 10.65 -6.31 9.81
CA ARG A 265 11.04 -6.06 8.43
C ARG A 265 9.91 -6.50 7.52
N MET A 266 9.16 -5.54 6.96
CA MET A 266 8.06 -5.81 6.05
C MET A 266 8.49 -5.34 4.68
N GLY A 267 9.05 -6.27 3.92
CA GLY A 267 9.60 -6.00 2.60
C GLY A 267 10.99 -5.39 2.68
N ASP A 268 11.21 -4.39 1.80
CA ASP A 268 12.46 -3.64 1.74
C ASP A 268 12.47 -2.54 2.85
N SER A 269 11.28 -2.32 3.52
CA SER A 269 11.05 -1.32 4.57
C SER A 269 10.69 -1.94 5.96
N LEU A 270 10.17 -1.11 6.88
CA LEU A 270 9.84 -1.54 8.24
C LEU A 270 8.39 -1.31 8.59
N ALA A 271 7.93 -2.03 9.62
CA ALA A 271 6.63 -1.87 10.27
C ALA A 271 6.84 -2.02 11.75
N VAL A 272 6.25 -1.14 12.53
CA VAL A 272 6.48 -1.11 13.97
C VAL A 272 5.19 -1.50 14.70
N GLU A 273 5.32 -2.43 15.64
CA GLU A 273 4.20 -2.83 16.45
C GLU A 273 4.44 -2.45 17.92
N ILE A 274 3.34 -2.07 18.63
CA ILE A 274 3.32 -1.75 20.05
C ILE A 274 2.30 -2.71 20.66
N LYS A 275 2.79 -3.69 21.42
CA LYS A 275 1.98 -4.74 22.04
C LYS A 275 0.89 -4.15 22.94
N GLY A 276 -0.31 -4.71 22.81
CA GLY A 276 -1.50 -4.31 23.55
C GLY A 276 -2.27 -3.19 22.90
N ARG A 277 -1.68 -2.58 21.85
CA ARG A 277 -2.18 -1.41 21.14
C ARG A 277 -2.19 -1.63 19.64
N ILE A 278 -2.73 -0.65 18.92
CA ILE A 278 -2.72 -0.61 17.48
C ILE A 278 -1.82 0.54 17.05
N HIS A 279 -0.64 0.24 16.44
CA HIS A 279 0.16 1.34 15.90
C HIS A 279 -0.40 1.62 14.52
N PHE A 280 -1.20 2.67 14.40
CA PHE A 280 -1.82 2.97 13.13
C PHE A 280 -0.94 3.98 12.38
N ASP A 281 -0.17 3.50 11.40
CA ASP A 281 0.63 4.41 10.57
C ASP A 281 -0.25 4.80 9.41
N LEU A 282 -0.57 6.11 9.30
CA LEU A 282 -1.43 6.64 8.24
C LEU A 282 -0.81 6.56 6.84
N PHE A 283 0.52 6.57 6.73
CA PHE A 283 1.19 6.60 5.44
C PHE A 283 0.76 5.46 4.50
N PRO A 284 0.83 4.15 4.87
CA PRO A 284 0.35 3.12 3.93
C PRO A 284 -1.16 3.18 3.69
N VAL A 285 -1.93 3.54 4.73
CA VAL A 285 -3.37 3.67 4.65
C VAL A 285 -3.78 4.70 3.54
N ILE A 286 -3.30 5.97 3.65
CA ILE A 286 -3.72 7.06 2.77
C ILE A 286 -3.19 6.85 1.33
N ARG A 287 -1.96 6.31 1.20
CA ARG A 287 -1.34 5.94 -0.07
C ARG A 287 -2.28 5.04 -0.93
N ARG A 288 -3.07 4.14 -0.28
CA ARG A 288 -4.05 3.25 -0.94
C ARG A 288 -5.38 3.91 -1.24
N THR A 289 -5.87 4.73 -0.31
CA THR A 289 -7.19 5.35 -0.37
C THR A 289 -7.33 6.46 -1.42
N ILE A 290 -6.34 7.36 -1.51
CA ILE A 290 -6.48 8.46 -2.45
C ILE A 290 -5.30 8.47 -3.44
N ASN A 291 -5.46 9.24 -4.53
CA ASN A 291 -4.44 9.40 -5.55
C ASN A 291 -3.86 10.81 -5.43
N LEU A 292 -2.57 10.87 -5.14
CA LEU A 292 -1.76 12.08 -5.05
C LEU A 292 -0.41 11.83 -5.71
N PRO A 293 0.22 12.81 -6.37
CA PRO A 293 1.55 12.56 -6.94
C PRO A 293 2.58 12.32 -5.81
N THR A 294 2.45 13.04 -4.68
CA THR A 294 3.31 12.94 -3.51
C THR A 294 2.45 12.94 -2.21
N TYR A 295 2.71 11.97 -1.34
CA TYR A 295 1.96 11.82 -0.11
C TYR A 295 2.70 12.43 1.05
N THR A 296 2.98 13.72 0.95
CA THR A 296 3.51 14.43 2.11
C THR A 296 2.32 14.68 3.04
N LEU A 297 2.58 14.86 4.36
CA LEU A 297 1.48 15.13 5.28
C LEU A 297 0.69 16.36 4.85
N GLU A 298 1.38 17.41 4.39
CA GLU A 298 0.76 18.68 3.98
C GLU A 298 -0.10 18.47 2.75
N ALA A 299 0.33 17.65 1.78
CA ALA A 299 -0.46 17.40 0.57
C ALA A 299 -1.70 16.57 0.90
N VAL A 300 -1.54 15.59 1.83
CA VAL A 300 -2.59 14.67 2.30
C VAL A 300 -3.68 15.44 3.09
N TYR A 301 -3.25 16.27 4.07
CA TYR A 301 -4.16 17.06 4.89
C TYR A 301 -5.07 17.94 4.03
N GLU A 302 -4.48 18.61 2.99
CA GLU A 302 -5.18 19.53 2.08
C GLU A 302 -6.19 18.79 1.20
N ALA A 303 -5.83 17.61 0.71
CA ALA A 303 -6.69 16.80 -0.14
C ALA A 303 -7.97 16.36 0.59
N ILE A 304 -7.85 16.09 1.93
CA ILE A 304 -8.96 15.59 2.76
C ILE A 304 -9.74 16.72 3.42
N PHE A 305 -9.06 17.69 4.03
CA PHE A 305 -9.76 18.75 4.77
C PHE A 305 -9.89 20.09 4.05
N GLY A 306 -9.32 20.21 2.84
CA GLY A 306 -9.41 21.42 2.02
C GLY A 306 -8.78 22.66 2.63
N LYS A 307 -7.77 22.47 3.48
CA LYS A 307 -7.04 23.53 4.16
C LYS A 307 -5.52 23.35 3.93
N SER A 308 -4.81 24.46 3.73
CA SER A 308 -3.36 24.44 3.55
C SER A 308 -2.63 24.23 4.88
N LYS A 309 -1.51 23.50 4.84
CA LYS A 309 -0.67 23.25 6.01
C LYS A 309 0.74 23.65 5.62
N GLU A 310 1.38 24.54 6.40
CA GLU A 310 2.75 24.93 6.05
C GLU A 310 3.76 23.81 6.33
N LYS A 311 4.74 23.60 5.41
CA LYS A 311 5.87 22.70 5.61
C LYS A 311 7.09 23.52 6.04
N VAL A 312 7.75 23.09 7.11
CA VAL A 312 9.02 23.68 7.59
C VAL A 312 10.06 22.59 7.30
N TYR A 313 10.93 22.83 6.33
CA TYR A 313 11.90 21.87 5.84
C TYR A 313 13.03 21.61 6.82
N ALA A 314 13.66 20.43 6.68
CA ALA A 314 14.75 19.95 7.52
C ALA A 314 15.84 20.99 7.72
N HIS A 315 16.26 21.68 6.65
CA HIS A 315 17.31 22.68 6.76
C HIS A 315 16.83 23.88 7.59
N GLU A 316 15.56 24.28 7.50
CA GLU A 316 15.03 25.41 8.28
C GLU A 316 15.02 25.07 9.77
N ILE A 317 14.67 23.80 10.08
CA ILE A 317 14.59 23.23 11.43
C ILE A 317 16.02 23.19 12.03
N ALA A 318 17.00 22.63 11.29
CA ALA A 318 18.39 22.59 11.72
C ALA A 318 18.94 23.99 12.00
N GLU A 319 18.69 24.94 11.08
CA GLU A 319 19.17 26.32 11.23
C GLU A 319 18.62 26.96 12.51
N ALA A 320 17.29 26.78 12.79
CA ALA A 320 16.63 27.37 13.95
C ALA A 320 17.14 26.77 15.23
N TRP A 321 17.34 25.45 15.24
CA TRP A 321 17.85 24.76 16.43
C TRP A 321 19.27 25.21 16.77
N GLU A 322 20.20 25.16 15.79
CA GLU A 322 21.62 25.48 15.97
C GLU A 322 21.86 26.96 16.30
N THR A 323 21.12 27.90 15.66
CA THR A 323 21.30 29.32 15.91
C THR A 323 20.45 29.81 17.10
N GLY A 324 19.36 29.09 17.40
CA GLY A 324 18.46 29.44 18.49
C GLY A 324 17.44 30.46 18.07
N LYS A 325 17.45 30.85 16.78
CA LYS A 325 16.57 31.88 16.20
C LYS A 325 15.41 31.24 15.40
N GLY A 326 14.19 31.70 15.68
CA GLY A 326 12.97 31.23 15.00
C GLY A 326 12.48 29.86 15.39
N LEU A 327 12.72 29.44 16.65
CA LEU A 327 12.33 28.16 17.23
C LEU A 327 10.82 28.04 17.46
N GLU A 328 10.13 29.19 17.56
CA GLU A 328 8.68 29.21 17.77
C GLU A 328 8.00 28.68 16.53
N ARG A 329 8.57 28.94 15.34
CA ARG A 329 8.07 28.49 14.04
C ARG A 329 8.17 26.98 13.94
N VAL A 330 9.31 26.41 14.40
CA VAL A 330 9.59 24.97 14.40
C VAL A 330 8.65 24.26 15.37
N ALA A 331 8.47 24.82 16.59
CA ALA A 331 7.56 24.28 17.61
C ALA A 331 6.13 24.28 17.07
N LYS A 332 5.69 25.35 16.38
CA LYS A 332 4.35 25.42 15.77
C LYS A 332 4.20 24.28 14.68
N TYR A 333 5.24 24.09 13.85
CA TYR A 333 5.25 23.03 12.84
C TYR A 333 5.08 21.62 13.48
N SER A 334 5.84 21.34 14.54
CA SER A 334 5.77 20.09 15.30
C SER A 334 4.35 19.89 15.89
N MET A 335 3.75 20.97 16.44
CA MET A 335 2.44 20.94 17.04
C MET A 335 1.38 20.58 15.99
N GLU A 336 1.41 21.28 14.84
CA GLU A 336 0.47 21.08 13.73
C GLU A 336 0.61 19.69 13.16
N ASP A 337 1.85 19.16 13.07
CA ASP A 337 2.11 17.79 12.60
C ASP A 337 1.33 16.77 13.48
N ALA A 338 1.42 16.87 14.84
CA ALA A 338 0.67 16.00 15.74
C ALA A 338 -0.85 16.26 15.62
N LYS A 339 -1.28 17.54 15.66
CA LYS A 339 -2.69 17.96 15.55
C LYS A 339 -3.38 17.35 14.31
N VAL A 340 -2.79 17.50 13.12
CA VAL A 340 -3.40 16.97 11.90
C VAL A 340 -3.26 15.46 11.82
N THR A 341 -2.23 14.87 12.47
CA THR A 341 -2.05 13.41 12.44
C THR A 341 -3.23 12.79 13.20
N PHE A 342 -3.63 13.43 14.33
CA PHE A 342 -4.78 13.00 15.12
C PHE A 342 -6.05 13.08 14.29
N GLU A 343 -6.24 14.23 13.63
CA GLU A 343 -7.41 14.52 12.81
C GLU A 343 -7.54 13.53 11.70
N LEU A 344 -6.41 13.25 11.02
CA LEU A 344 -6.38 12.30 9.91
C LEU A 344 -6.69 10.88 10.40
N GLY A 345 -6.14 10.50 11.55
CA GLY A 345 -6.33 9.18 12.13
C GLY A 345 -7.78 8.88 12.38
N LYS A 346 -8.51 9.85 12.95
CA LYS A 346 -9.95 9.74 13.25
C LYS A 346 -10.77 9.61 11.96
N GLU A 347 -10.34 10.29 10.91
CA GLU A 347 -10.95 10.28 9.60
C GLU A 347 -10.84 8.90 8.94
N PHE A 348 -9.62 8.31 8.91
CA PHE A 348 -9.27 7.09 8.19
C PHE A 348 -9.38 5.79 8.97
N PHE A 349 -9.32 5.83 10.31
CA PHE A 349 -9.43 4.62 11.10
C PHE A 349 -10.78 3.84 10.91
N PRO A 350 -12.00 4.47 10.87
CA PRO A 350 -13.24 3.67 10.83
C PRO A 350 -13.33 2.65 9.69
N MET A 351 -12.88 3.04 8.49
CA MET A 351 -12.88 2.18 7.30
C MET A 351 -11.89 1.02 7.45
N GLU A 352 -10.71 1.29 8.08
CA GLU A 352 -9.73 0.23 8.34
C GLU A 352 -10.27 -0.72 9.40
N ALA A 353 -11.03 -0.20 10.37
CA ALA A 353 -11.61 -1.05 11.41
C ALA A 353 -12.66 -1.99 10.80
N GLN A 354 -13.47 -1.49 9.85
CA GLN A 354 -14.50 -2.31 9.21
C GLN A 354 -13.90 -3.33 8.28
N LEU A 355 -12.79 -2.98 7.62
CA LEU A 355 -12.10 -3.90 6.74
C LEU A 355 -11.54 -5.04 7.55
N ALA A 356 -10.90 -4.73 8.72
CA ALA A 356 -10.33 -5.72 9.64
C ALA A 356 -11.40 -6.73 10.04
N ARG A 357 -12.56 -6.22 10.48
CA ARG A 357 -13.73 -6.99 10.87
C ARG A 357 -14.15 -7.92 9.73
N LEU A 358 -14.33 -7.37 8.52
CA LEU A 358 -14.80 -8.10 7.32
C LEU A 358 -13.90 -9.28 6.96
N VAL A 359 -12.57 -9.05 6.92
CA VAL A 359 -11.52 -9.96 6.56
C VAL A 359 -11.13 -10.87 7.79
N GLY A 360 -11.41 -10.42 9.00
CA GLY A 360 -11.15 -11.19 10.21
C GLY A 360 -9.70 -11.22 10.63
N GLN A 361 -8.99 -10.10 10.47
CA GLN A 361 -7.59 -9.99 10.88
C GLN A 361 -7.37 -8.61 11.53
N PRO A 362 -6.35 -8.42 12.41
CA PRO A 362 -6.24 -7.14 13.13
C PRO A 362 -5.93 -5.95 12.25
N VAL A 363 -6.38 -4.76 12.68
CA VAL A 363 -6.16 -3.49 11.97
C VAL A 363 -4.67 -3.31 11.70
N TRP A 364 -3.77 -3.72 12.65
CA TRP A 364 -2.34 -3.50 12.42
C TRP A 364 -1.94 -4.14 11.06
N ASP A 365 -2.34 -5.40 10.86
CA ASP A 365 -2.03 -6.15 9.66
C ASP A 365 -2.81 -5.64 8.43
N VAL A 366 -4.14 -5.44 8.60
CA VAL A 366 -5.06 -5.02 7.52
C VAL A 366 -4.70 -3.61 6.97
N SER A 367 -4.32 -2.65 7.85
CA SER A 367 -3.99 -1.28 7.42
C SER A 367 -2.68 -1.25 6.62
N ARG A 368 -1.82 -2.28 6.76
CA ARG A 368 -0.55 -2.36 6.07
C ARG A 368 -0.61 -3.32 4.88
N SER A 369 -1.82 -3.68 4.40
CA SER A 369 -1.83 -4.65 3.33
C SER A 369 -2.60 -4.21 2.10
N SER A 370 -2.22 -4.80 0.95
CA SER A 370 -2.86 -4.60 -0.34
C SER A 370 -4.23 -5.23 -0.33
N THR A 371 -5.08 -4.91 -1.32
CA THR A 371 -6.41 -5.52 -1.38
C THR A 371 -6.27 -7.00 -1.77
N GLY A 372 -5.18 -7.35 -2.42
CA GLY A 372 -4.93 -8.73 -2.79
C GLY A 372 -4.78 -9.60 -1.56
N ASN A 373 -4.07 -9.07 -0.53
CA ASN A 373 -3.87 -9.77 0.75
C ASN A 373 -5.13 -9.74 1.58
N LEU A 374 -5.95 -8.67 1.44
CA LEU A 374 -7.22 -8.62 2.15
C LEU A 374 -8.12 -9.73 1.66
N VAL A 375 -8.18 -9.92 0.33
CA VAL A 375 -8.96 -11.00 -0.30
C VAL A 375 -8.46 -12.35 0.20
N GLU A 376 -7.13 -12.56 0.19
CA GLU A 376 -6.56 -13.84 0.56
C GLU A 376 -6.84 -14.20 2.01
N TRP A 377 -6.79 -13.22 2.95
CA TRP A 377 -7.08 -13.47 4.36
C TRP A 377 -8.57 -13.86 4.53
N PHE A 378 -9.46 -13.20 3.77
CA PHE A 378 -10.89 -13.46 3.74
C PHE A 378 -11.13 -14.88 3.24
N LEU A 379 -10.42 -15.27 2.15
CA LEU A 379 -10.54 -16.60 1.56
C LEU A 379 -10.01 -17.72 2.47
N LEU A 380 -8.91 -17.49 3.22
CA LEU A 380 -8.32 -18.51 4.09
C LEU A 380 -9.23 -18.86 5.22
N ARG A 381 -9.90 -17.85 5.76
CA ARG A 381 -10.88 -17.99 6.81
C ARG A 381 -12.09 -18.75 6.29
N LYS A 382 -12.61 -18.39 5.08
CA LYS A 382 -13.77 -19.04 4.48
C LYS A 382 -13.45 -20.47 4.13
N ALA A 383 -12.20 -20.75 3.66
CA ALA A 383 -11.77 -22.11 3.35
C ALA A 383 -11.81 -22.99 4.60
N TYR A 384 -11.39 -22.45 5.78
CA TYR A 384 -11.46 -23.17 7.07
C TYR A 384 -12.91 -23.50 7.41
N GLU A 385 -13.77 -22.46 7.37
CA GLU A 385 -15.20 -22.55 7.62
C GLU A 385 -15.85 -23.61 6.74
N ARG A 386 -15.36 -23.78 5.48
CA ARG A 386 -15.94 -24.68 4.47
C ARG A 386 -15.19 -26.00 4.33
N ASN A 387 -14.16 -26.23 5.12
CA ASN A 387 -13.35 -27.45 5.07
C ASN A 387 -12.70 -27.58 3.67
N GLU A 388 -12.20 -26.47 3.15
CA GLU A 388 -11.52 -26.40 1.88
C GLU A 388 -10.05 -26.16 2.14
N LEU A 389 -9.23 -27.11 1.73
CA LEU A 389 -7.78 -27.03 1.84
C LEU A 389 -7.32 -25.81 0.99
N ALA A 390 -6.49 -24.96 1.54
CA ALA A 390 -6.05 -23.82 0.76
C ALA A 390 -4.92 -24.22 -0.18
N PRO A 391 -4.96 -23.75 -1.45
CA PRO A 391 -3.81 -23.93 -2.33
C PRO A 391 -2.62 -23.16 -1.78
N ASN A 392 -1.42 -23.52 -2.25
CA ASN A 392 -0.20 -22.90 -1.80
C ASN A 392 0.13 -21.66 -2.58
N LYS A 393 0.88 -20.73 -1.94
CA LYS A 393 1.44 -19.57 -2.61
C LYS A 393 2.44 -20.11 -3.62
N PRO A 394 2.65 -19.47 -4.79
CA PRO A 394 3.57 -20.04 -5.78
C PRO A 394 5.05 -19.98 -5.35
N ASP A 395 5.91 -20.82 -5.93
CA ASP A 395 7.36 -20.75 -5.74
C ASP A 395 7.87 -19.62 -6.66
N GLU A 396 9.17 -19.24 -6.59
CA GLU A 396 9.67 -18.14 -7.43
C GLU A 396 9.45 -18.40 -8.92
N ARG A 397 9.81 -19.61 -9.42
CA ARG A 397 9.65 -20.02 -10.82
C ARG A 397 8.18 -19.85 -11.31
N GLU A 398 7.18 -20.33 -10.50
CA GLU A 398 5.76 -20.23 -10.82
C GLU A 398 5.32 -18.77 -10.83
N TYR A 399 5.73 -18.00 -9.79
CA TYR A 399 5.44 -16.58 -9.66
C TYR A 399 5.92 -15.82 -10.92
N GLU A 400 7.14 -16.15 -11.39
CA GLU A 400 7.78 -15.61 -12.60
C GLU A 400 6.99 -16.02 -13.86
N ARG A 401 6.60 -17.32 -13.97
CA ARG A 401 5.80 -17.87 -15.08
C ARG A 401 4.46 -17.16 -15.17
N ARG A 402 3.89 -16.76 -13.99
CA ARG A 402 2.62 -16.03 -13.89
C ARG A 402 2.76 -14.60 -14.37
N LEU A 403 3.88 -13.91 -14.02
CA LEU A 403 4.14 -12.54 -14.45
C LEU A 403 4.30 -12.44 -15.98
N ARG A 404 4.78 -13.52 -16.62
CA ARG A 404 5.04 -13.65 -18.06
C ARG A 404 3.81 -14.18 -18.86
N GLU A 405 2.68 -14.45 -18.19
CA GLU A 405 1.48 -14.97 -18.85
C GLU A 405 0.80 -13.86 -19.66
N SER A 406 0.47 -14.19 -20.93
CA SER A 406 -0.16 -13.27 -21.88
C SER A 406 -1.66 -13.48 -21.92
N TYR A 407 -2.42 -12.38 -21.75
CA TYR A 407 -3.88 -12.36 -21.73
C TYR A 407 -4.46 -11.87 -23.08
N GLU A 408 -5.34 -12.69 -23.70
CA GLU A 408 -6.02 -12.30 -24.95
C GLU A 408 -7.24 -11.45 -24.59
N GLY A 409 -7.54 -10.47 -25.43
CA GLY A 409 -8.62 -9.51 -25.20
C GLY A 409 -8.08 -8.34 -24.40
N VAL A 412 -9.95 -2.06 -25.08
CA VAL A 412 -8.80 -1.56 -24.32
C VAL A 412 -7.73 -1.07 -25.34
N LYS A 413 -8.14 -0.08 -26.17
CA LYS A 413 -7.35 0.53 -27.24
C LYS A 413 -6.48 1.70 -26.76
N GLU A 414 -5.61 2.20 -27.67
CA GLU A 414 -4.77 3.37 -27.38
C GLU A 414 -5.70 4.61 -27.28
N PRO A 415 -5.41 5.54 -26.35
CA PRO A 415 -6.34 6.65 -26.18
C PRO A 415 -6.23 7.69 -27.28
N GLU A 416 -7.23 8.57 -27.38
CA GLU A 416 -7.24 9.67 -28.34
C GLU A 416 -6.08 10.60 -28.02
N LYS A 417 -5.47 11.16 -29.05
CA LYS A 417 -4.35 12.08 -28.88
C LYS A 417 -4.89 13.47 -28.59
N GLY A 418 -4.01 14.36 -28.15
CA GLY A 418 -4.34 15.76 -27.92
C GLY A 418 -4.98 16.13 -26.62
N LEU A 419 -5.30 17.42 -26.50
CA LEU A 419 -5.85 18.01 -25.29
C LEU A 419 -7.36 18.18 -25.39
N TRP A 420 -8.07 17.52 -24.49
CA TRP A 420 -9.54 17.52 -24.46
C TRP A 420 -10.08 18.35 -23.32
N GLU A 421 -11.27 18.94 -23.52
CA GLU A 421 -11.98 19.79 -22.57
C GLU A 421 -13.24 19.12 -22.10
N GLY A 422 -13.62 19.41 -20.85
CA GLY A 422 -14.87 18.93 -20.24
C GLY A 422 -15.04 17.44 -20.31
N ILE A 423 -14.25 16.74 -19.50
CA ILE A 423 -14.16 15.28 -19.44
C ILE A 423 -14.90 14.67 -18.25
N VAL A 424 -15.78 13.69 -18.53
CA VAL A 424 -16.49 12.91 -17.50
C VAL A 424 -15.78 11.61 -17.35
N SER A 425 -15.59 11.18 -16.11
CA SER A 425 -14.98 9.88 -15.77
C SER A 425 -16.07 8.92 -15.30
N LEU A 426 -16.14 7.72 -15.93
CA LEU A 426 -17.07 6.65 -15.58
C LEU A 426 -16.28 5.46 -15.08
N ASP A 427 -16.78 4.82 -14.01
CA ASP A 427 -16.14 3.69 -13.34
C ASP A 427 -16.93 2.39 -13.60
N PHE A 428 -16.27 1.30 -14.07
CA PHE A 428 -16.89 -0.02 -14.36
C PHE A 428 -16.75 -1.07 -13.27
N ARG A 429 -15.87 -0.87 -12.31
CA ARG A 429 -15.45 -1.85 -11.32
C ARG A 429 -16.57 -2.67 -10.62
N SER A 430 -17.77 -2.09 -10.38
CA SER A 430 -18.88 -2.78 -9.72
C SER A 430 -19.65 -3.76 -10.65
N LEU A 431 -19.14 -3.93 -11.87
CA LEU A 431 -19.69 -4.82 -12.87
C LEU A 431 -19.14 -6.25 -12.68
N TYR A 432 -17.82 -6.38 -12.37
CA TYR A 432 -17.10 -7.64 -12.32
C TYR A 432 -17.56 -8.62 -11.23
N PRO A 433 -17.84 -8.26 -9.96
CA PRO A 433 -18.35 -9.29 -9.03
C PRO A 433 -19.58 -10.01 -9.61
N SER A 434 -20.52 -9.27 -10.23
CA SER A 434 -21.72 -9.86 -10.78
C SER A 434 -21.41 -10.82 -11.94
N ILE A 435 -20.39 -10.52 -12.73
CA ILE A 435 -19.99 -11.41 -13.82
C ILE A 435 -19.42 -12.74 -13.23
N ILE A 436 -18.56 -12.67 -12.21
CA ILE A 436 -17.94 -13.82 -11.52
C ILE A 436 -19.06 -14.74 -10.99
N ILE A 437 -20.07 -14.15 -10.37
CA ILE A 437 -21.16 -14.91 -9.78
C ILE A 437 -22.07 -15.54 -10.84
N THR A 438 -22.54 -14.75 -11.84
CA THR A 438 -23.50 -15.29 -12.79
C THR A 438 -22.89 -16.39 -13.68
N HIS A 439 -21.58 -16.30 -13.97
CA HIS A 439 -20.94 -17.27 -14.83
C HIS A 439 -20.12 -18.29 -14.04
N ASN A 440 -20.26 -18.31 -12.70
CA ASN A 440 -19.63 -19.29 -11.80
C ASN A 440 -18.14 -19.40 -12.03
N VAL A 441 -17.48 -18.25 -12.18
CA VAL A 441 -16.05 -18.14 -12.51
C VAL A 441 -15.21 -18.42 -11.26
N SER A 442 -14.54 -19.56 -11.25
CA SER A 442 -13.75 -20.06 -10.13
C SER A 442 -12.72 -21.06 -10.58
N PRO A 443 -11.52 -21.13 -9.94
CA PRO A 443 -10.52 -22.13 -10.36
C PRO A 443 -11.02 -23.58 -10.18
N ASP A 444 -11.92 -23.82 -9.21
CA ASP A 444 -12.51 -25.14 -8.93
C ASP A 444 -13.60 -25.53 -9.93
N THR A 445 -14.10 -24.59 -10.75
CA THR A 445 -15.14 -24.91 -11.76
C THR A 445 -14.56 -24.90 -13.19
N LEU A 446 -13.33 -24.38 -13.36
CA LEU A 446 -12.67 -24.29 -14.64
C LEU A 446 -12.38 -25.68 -15.23
N ASN A 447 -12.78 -25.86 -16.52
CA ASN A 447 -12.62 -27.03 -17.38
C ASN A 447 -12.70 -28.34 -16.59
N ARG A 448 -13.85 -28.54 -15.90
CA ARG A 448 -14.12 -29.71 -15.07
C ARG A 448 -14.51 -30.92 -15.88
N GLU A 449 -13.98 -32.08 -15.54
CA GLU A 449 -14.36 -33.30 -16.25
C GLU A 449 -15.71 -33.80 -15.79
N ASN A 450 -16.45 -34.39 -16.76
CA ASN A 450 -17.79 -34.98 -16.63
C ASN A 450 -18.79 -33.96 -16.13
N CYS A 451 -18.58 -32.70 -16.56
CA CYS A 451 -19.48 -31.63 -16.18
C CYS A 451 -20.71 -31.69 -17.11
N LYS A 452 -21.92 -31.64 -16.52
CA LYS A 452 -23.15 -31.73 -17.28
C LYS A 452 -23.48 -30.41 -17.97
N GLU A 453 -23.38 -29.27 -17.28
CA GLU A 453 -23.67 -27.96 -17.86
C GLU A 453 -22.54 -26.99 -17.60
N TYR A 454 -22.20 -26.17 -18.59
CA TYR A 454 -21.11 -25.22 -18.43
C TYR A 454 -21.35 -23.96 -19.23
N ASP A 455 -20.70 -22.88 -18.79
CA ASP A 455 -20.67 -21.57 -19.41
C ASP A 455 -19.36 -21.44 -20.11
N VAL A 456 -19.40 -20.98 -21.36
CA VAL A 456 -18.24 -20.78 -22.20
C VAL A 456 -17.94 -19.28 -22.28
N ALA A 457 -16.72 -18.86 -21.90
CA ALA A 457 -16.34 -17.46 -21.99
C ALA A 457 -16.24 -16.99 -23.45
N PRO A 458 -16.84 -15.83 -23.82
CA PRO A 458 -16.71 -15.36 -25.21
C PRO A 458 -15.24 -15.12 -25.59
N GLN A 459 -14.86 -15.43 -26.85
CA GLN A 459 -13.53 -15.27 -27.46
C GLN A 459 -12.48 -16.23 -26.91
N VAL A 460 -12.31 -16.33 -25.57
CA VAL A 460 -11.25 -17.14 -24.94
C VAL A 460 -11.66 -18.62 -24.73
N GLY A 461 -12.97 -18.87 -24.69
CA GLY A 461 -13.55 -20.20 -24.67
C GLY A 461 -13.36 -21.05 -23.44
N HIS A 462 -12.90 -20.49 -22.33
CA HIS A 462 -12.75 -21.26 -21.08
C HIS A 462 -14.13 -21.72 -20.58
N ARG A 463 -14.22 -22.98 -20.11
CA ARG A 463 -15.46 -23.57 -19.63
C ARG A 463 -15.54 -23.59 -18.11
N PHE A 464 -16.65 -23.07 -17.56
CA PHE A 464 -16.89 -23.10 -16.13
C PHE A 464 -18.10 -23.94 -15.84
N CYS A 465 -17.90 -25.00 -15.07
CA CYS A 465 -18.94 -25.91 -14.63
C CYS A 465 -20.07 -25.17 -13.89
N LYS A 466 -21.31 -25.49 -14.21
CA LYS A 466 -22.54 -24.95 -13.61
C LYS A 466 -23.11 -25.93 -12.56
N ASP A 467 -22.57 -27.18 -12.44
CA ASP A 467 -23.10 -28.24 -11.56
C ASP A 467 -23.10 -27.93 -10.04
N PHE A 468 -22.18 -27.11 -9.57
CA PHE A 468 -22.11 -26.71 -8.18
C PHE A 468 -21.60 -25.26 -8.15
N PRO A 469 -22.03 -24.40 -7.16
CA PRO A 469 -21.46 -23.05 -7.09
C PRO A 469 -19.97 -23.13 -6.75
N GLY A 470 -19.16 -22.34 -7.47
CA GLY A 470 -17.72 -22.25 -7.24
C GLY A 470 -17.46 -21.62 -5.90
N PHE A 471 -16.31 -21.94 -5.31
CA PHE A 471 -15.93 -21.41 -3.99
C PHE A 471 -15.98 -19.89 -3.98
N ILE A 472 -15.26 -19.21 -4.90
CA ILE A 472 -15.22 -17.75 -4.96
C ILE A 472 -16.62 -17.16 -5.38
N PRO A 473 -17.33 -17.63 -6.46
CA PRO A 473 -18.68 -17.09 -6.73
C PRO A 473 -19.62 -17.20 -5.52
N SER A 474 -19.58 -18.32 -4.79
CA SER A 474 -20.39 -18.56 -3.61
C SER A 474 -20.17 -17.44 -2.57
N LEU A 475 -18.92 -17.19 -2.21
CA LEU A 475 -18.57 -16.15 -1.25
C LEU A 475 -18.95 -14.76 -1.71
N LEU A 476 -18.73 -14.43 -2.99
CA LEU A 476 -19.06 -13.11 -3.56
C LEU A 476 -20.58 -12.84 -3.50
N GLY A 477 -21.37 -13.87 -3.81
CA GLY A 477 -22.83 -13.84 -3.78
C GLY A 477 -23.34 -13.45 -2.41
N ASN A 478 -22.73 -14.05 -1.36
CA ASN A 478 -23.05 -13.77 0.04
C ASN A 478 -22.61 -12.36 0.40
N LEU A 479 -21.40 -11.91 -0.07
CA LEU A 479 -20.95 -10.52 0.19
C LEU A 479 -21.91 -9.49 -0.40
N LEU A 480 -22.32 -9.65 -1.66
CA LEU A 480 -23.22 -8.71 -2.31
C LEU A 480 -24.60 -8.69 -1.66
N GLU A 481 -25.08 -9.88 -1.22
CA GLU A 481 -26.37 -10.00 -0.53
C GLU A 481 -26.31 -9.27 0.81
N GLU A 482 -25.19 -9.47 1.55
CA GLU A 482 -24.99 -8.83 2.84
C GLU A 482 -24.94 -7.30 2.67
N ARG A 483 -24.31 -6.80 1.57
CA ARG A 483 -24.24 -5.37 1.33
C ARG A 483 -25.65 -4.80 1.07
N GLN A 484 -26.51 -5.55 0.32
CA GLN A 484 -27.87 -5.12 0.01
C GLN A 484 -28.71 -5.08 1.27
N LYS A 485 -28.49 -6.01 2.22
CA LYS A 485 -29.21 -6.04 3.51
C LYS A 485 -28.84 -4.81 4.31
N ILE A 486 -27.52 -4.51 4.40
CA ILE A 486 -26.97 -3.32 5.08
C ILE A 486 -27.59 -2.04 4.46
N LYS A 487 -27.58 -1.89 3.13
CA LYS A 487 -28.15 -0.74 2.43
C LYS A 487 -29.65 -0.58 2.76
N LYS A 488 -30.41 -1.70 2.83
CA LYS A 488 -31.85 -1.70 3.19
C LYS A 488 -32.04 -1.28 4.65
N ARG A 489 -31.21 -1.82 5.57
CA ARG A 489 -31.26 -1.50 6.99
C ARG A 489 -30.93 -0.01 7.20
N MET A 490 -30.08 0.56 6.31
CA MET A 490 -29.67 1.98 6.32
C MET A 490 -30.86 2.88 6.01
N LYS A 491 -31.66 2.55 4.95
CA LYS A 491 -32.84 3.32 4.55
C LYS A 491 -33.89 3.36 5.69
N GLU A 492 -34.09 2.21 6.38
CA GLU A 492 -35.06 2.01 7.46
C GLU A 492 -34.58 2.45 8.86
N SER A 493 -33.36 3.02 8.97
CA SER A 493 -32.83 3.44 10.28
C SER A 493 -33.03 4.91 10.56
N LYS A 494 -33.43 5.22 11.81
CA LYS A 494 -33.64 6.58 12.29
C LYS A 494 -32.40 7.08 13.07
N ASP A 495 -31.61 6.12 13.63
CA ASP A 495 -30.36 6.31 14.39
C ASP A 495 -29.21 6.74 13.44
N PRO A 496 -28.70 7.99 13.49
CA PRO A 496 -27.60 8.38 12.58
C PRO A 496 -26.26 7.72 12.91
N VAL A 497 -26.10 7.21 14.15
CA VAL A 497 -24.90 6.53 14.65
C VAL A 497 -24.78 5.18 13.95
N GLU A 498 -25.88 4.39 13.95
CA GLU A 498 -25.99 3.08 13.29
C GLU A 498 -25.82 3.26 11.78
N LYS A 499 -26.46 4.30 11.19
CA LYS A 499 -26.38 4.66 9.77
C LYS A 499 -24.93 4.91 9.32
N LYS A 500 -24.16 5.67 10.14
CA LYS A 500 -22.75 6.01 9.86
C LYS A 500 -21.91 4.74 9.84
N LEU A 501 -22.13 3.85 10.84
CA LEU A 501 -21.45 2.57 11.00
C LEU A 501 -21.79 1.67 9.82
N LEU A 502 -23.10 1.55 9.48
CA LEU A 502 -23.57 0.69 8.37
C LEU A 502 -23.05 1.21 7.03
N ASP A 503 -22.84 2.54 6.90
CA ASP A 503 -22.28 3.13 5.69
C ASP A 503 -20.85 2.63 5.48
N TYR A 504 -20.06 2.57 6.59
CA TYR A 504 -18.69 2.06 6.55
C TYR A 504 -18.69 0.57 6.20
N ARG A 505 -19.60 -0.22 6.81
CA ARG A 505 -19.67 -1.66 6.58
C ARG A 505 -19.96 -2.01 5.12
N GLN A 506 -20.94 -1.32 4.51
CA GLN A 506 -21.32 -1.55 3.12
C GLN A 506 -20.17 -1.08 2.16
N ARG A 507 -19.41 -0.04 2.53
CA ARG A 507 -18.27 0.42 1.71
C ARG A 507 -17.12 -0.60 1.76
N ALA A 508 -16.92 -1.26 2.93
CA ALA A 508 -15.89 -2.27 3.14
C ALA A 508 -16.16 -3.49 2.23
N ILE A 509 -17.44 -3.86 2.07
CA ILE A 509 -17.83 -5.00 1.23
C ILE A 509 -17.55 -4.66 -0.21
N LYS A 510 -17.98 -3.43 -0.62
CA LYS A 510 -17.77 -2.93 -1.96
C LYS A 510 -16.29 -3.00 -2.31
N ILE A 511 -15.42 -2.56 -1.40
CA ILE A 511 -13.98 -2.55 -1.64
C ILE A 511 -13.49 -4.01 -1.78
N LEU A 512 -13.85 -4.90 -0.85
CA LEU A 512 -13.41 -6.28 -0.89
C LEU A 512 -13.97 -7.01 -2.12
N ALA A 513 -15.27 -6.84 -2.42
CA ALA A 513 -15.87 -7.50 -3.56
C ALA A 513 -15.25 -7.06 -4.88
N ASN A 514 -14.91 -5.75 -5.01
CA ASN A 514 -14.34 -5.18 -6.25
C ASN A 514 -12.88 -5.51 -6.45
N SER A 515 -12.29 -6.25 -5.47
CA SER A 515 -10.90 -6.69 -5.49
C SER A 515 -10.72 -8.14 -5.98
N TYR A 516 -11.80 -8.91 -6.14
CA TYR A 516 -11.68 -10.31 -6.59
C TYR A 516 -11.18 -10.42 -8.02
N TYR A 517 -11.73 -9.58 -8.93
CA TYR A 517 -11.31 -9.59 -10.33
C TYR A 517 -9.78 -9.43 -10.42
N GLY A 518 -9.24 -8.43 -9.72
CA GLY A 518 -7.80 -8.19 -9.72
C GLY A 518 -7.04 -9.33 -9.07
N TYR A 519 -7.59 -9.87 -7.97
CA TYR A 519 -7.00 -10.97 -7.19
C TYR A 519 -6.77 -12.20 -8.07
N TYR A 520 -7.73 -12.57 -8.97
CA TYR A 520 -7.60 -13.70 -9.87
C TYR A 520 -6.29 -13.67 -10.68
N GLY A 521 -5.85 -12.48 -11.06
CA GLY A 521 -4.63 -12.25 -11.83
C GLY A 521 -3.41 -11.84 -11.03
N TYR A 522 -3.54 -11.77 -9.70
CA TYR A 522 -2.44 -11.41 -8.79
C TYR A 522 -1.52 -12.62 -8.69
N ALA A 523 -0.28 -12.48 -9.18
CA ALA A 523 0.73 -13.54 -9.30
C ALA A 523 1.07 -14.27 -7.98
N LYS A 524 0.95 -13.59 -6.84
CA LYS A 524 1.21 -14.20 -5.56
C LYS A 524 -0.03 -14.91 -4.97
N ALA A 525 -1.24 -14.80 -5.63
CA ALA A 525 -2.49 -15.37 -5.09
C ALA A 525 -2.46 -16.85 -5.02
N ARG A 526 -3.01 -17.41 -3.94
CA ARG A 526 -3.19 -18.84 -3.72
C ARG A 526 -4.24 -19.34 -4.71
N TRP A 527 -5.38 -18.60 -4.82
CA TRP A 527 -6.49 -18.92 -5.70
C TRP A 527 -6.35 -18.20 -7.02
N TYR A 528 -5.10 -18.04 -7.50
CA TYR A 528 -4.75 -17.43 -8.79
C TYR A 528 -5.41 -18.21 -9.89
N CYS A 529 -5.96 -17.51 -10.87
CA CYS A 529 -6.59 -18.18 -11.99
C CYS A 529 -6.60 -17.23 -13.18
N LYS A 530 -5.58 -17.36 -14.04
CA LYS A 530 -5.40 -16.59 -15.28
C LYS A 530 -6.67 -16.70 -16.15
N GLU A 531 -7.16 -17.94 -16.36
CA GLU A 531 -8.33 -18.22 -17.19
C GLU A 531 -9.57 -17.53 -16.58
N CYS A 532 -9.68 -17.47 -15.23
CA CYS A 532 -10.78 -16.79 -14.54
C CYS A 532 -10.73 -15.29 -14.83
N ALA A 533 -9.55 -14.66 -14.67
CA ALA A 533 -9.36 -13.26 -14.92
C ALA A 533 -9.70 -12.93 -16.39
N GLU A 534 -9.19 -13.75 -17.35
CA GLU A 534 -9.41 -13.61 -18.81
C GLU A 534 -10.88 -13.64 -19.18
N SER A 535 -11.60 -14.62 -18.61
CA SER A 535 -13.01 -14.87 -18.82
C SER A 535 -13.87 -13.75 -18.27
N VAL A 536 -13.56 -13.21 -17.05
CA VAL A 536 -14.28 -12.07 -16.45
C VAL A 536 -14.10 -10.85 -17.36
N THR A 537 -12.90 -10.70 -17.94
CA THR A 537 -12.58 -9.61 -18.86
C THR A 537 -13.44 -9.74 -20.10
N ALA A 538 -13.49 -10.96 -20.68
CA ALA A 538 -14.22 -11.24 -21.92
C ALA A 538 -15.69 -11.01 -21.77
N TRP A 539 -16.28 -11.47 -20.67
CA TRP A 539 -17.71 -11.24 -20.39
C TRP A 539 -17.96 -9.77 -20.06
N GLY A 540 -17.02 -9.16 -19.33
CA GLY A 540 -17.10 -7.76 -18.93
C GLY A 540 -17.17 -6.82 -20.12
N ARG A 541 -16.35 -7.13 -21.16
CA ARG A 541 -16.19 -6.39 -22.41
C ARG A 541 -17.50 -6.19 -23.16
N GLN A 542 -18.41 -7.17 -23.11
CA GLN A 542 -19.73 -7.09 -23.76
C GLN A 542 -20.55 -5.91 -23.20
N TYR A 543 -20.41 -5.62 -21.90
CA TYR A 543 -21.10 -4.52 -21.23
C TYR A 543 -20.39 -3.19 -21.49
N ILE A 544 -19.04 -3.21 -21.53
CA ILE A 544 -18.20 -2.04 -21.80
C ILE A 544 -18.48 -1.55 -23.22
N ASP A 545 -18.56 -2.51 -24.20
CA ASP A 545 -18.88 -2.21 -25.59
C ASP A 545 -20.29 -1.64 -25.69
N LEU A 546 -21.23 -2.17 -24.89
CA LEU A 546 -22.60 -1.64 -24.85
C LEU A 546 -22.59 -0.19 -24.33
N VAL A 547 -21.82 0.08 -23.24
CA VAL A 547 -21.70 1.42 -22.64
C VAL A 547 -21.09 2.37 -23.67
N ARG A 548 -20.02 1.93 -24.38
CA ARG A 548 -19.34 2.76 -25.39
C ARG A 548 -20.31 3.10 -26.55
N ARG A 549 -21.01 2.11 -27.15
CA ARG A 549 -21.94 2.36 -28.27
C ARG A 549 -23.04 3.35 -27.86
N GLU A 550 -23.62 3.17 -26.64
CA GLU A 550 -24.68 4.00 -26.10
C GLU A 550 -24.17 5.41 -25.84
N LEU A 551 -22.90 5.55 -25.38
CA LEU A 551 -22.29 6.87 -25.21
C LEU A 551 -22.14 7.59 -26.55
N GLU A 552 -21.60 6.90 -27.58
CA GLU A 552 -21.40 7.46 -28.91
C GLU A 552 -22.73 7.80 -29.60
N SER A 553 -23.81 7.02 -29.34
CA SER A 553 -25.12 7.31 -29.94
C SER A 553 -25.70 8.62 -29.36
N ARG A 554 -25.20 9.03 -28.18
CA ARG A 554 -25.65 10.22 -27.45
C ARG A 554 -24.73 11.44 -27.71
N GLY A 555 -23.83 11.31 -28.68
CA GLY A 555 -22.90 12.36 -29.07
C GLY A 555 -21.60 12.38 -28.30
N PHE A 556 -21.42 11.46 -27.35
CA PHE A 556 -20.17 11.41 -26.58
C PHE A 556 -19.03 10.79 -27.41
N LYS A 557 -17.82 11.27 -27.19
CA LYS A 557 -16.60 10.72 -27.77
C LYS A 557 -15.85 10.09 -26.64
N VAL A 558 -15.46 8.80 -26.78
CA VAL A 558 -14.71 8.13 -25.73
C VAL A 558 -13.24 8.43 -25.99
N LEU A 559 -12.61 9.09 -25.04
CA LEU A 559 -11.22 9.52 -25.16
C LEU A 559 -10.24 8.46 -24.69
N TYR A 560 -10.65 7.67 -23.67
CA TYR A 560 -9.82 6.69 -22.99
C TYR A 560 -10.69 5.62 -22.39
N ILE A 561 -10.25 4.35 -22.51
CA ILE A 561 -11.00 3.25 -21.90
C ILE A 561 -10.01 2.13 -21.50
N ASP A 562 -10.21 1.60 -20.27
CA ASP A 562 -9.47 0.46 -19.72
C ASP A 562 -10.48 -0.42 -18.95
N THR A 563 -10.04 -1.53 -18.35
CA THR A 563 -10.97 -2.43 -17.65
C THR A 563 -11.65 -1.79 -16.44
N ASP A 564 -11.04 -0.72 -15.88
CA ASP A 564 -11.57 -0.05 -14.68
C ASP A 564 -12.60 1.07 -14.98
N GLY A 565 -12.48 1.69 -16.15
CA GLY A 565 -13.38 2.76 -16.54
C GLY A 565 -13.05 3.44 -17.85
N LEU A 566 -13.68 4.59 -18.06
CA LEU A 566 -13.45 5.39 -19.25
C LEU A 566 -13.54 6.90 -18.96
N TYR A 567 -13.07 7.68 -19.92
CA TYR A 567 -13.13 9.12 -19.94
C TYR A 567 -13.77 9.50 -21.26
N ALA A 568 -14.71 10.44 -21.21
CA ALA A 568 -15.44 10.87 -22.39
C ALA A 568 -15.82 12.35 -22.32
N THR A 569 -16.20 12.93 -23.47
CA THR A 569 -16.66 14.31 -23.59
C THR A 569 -17.66 14.41 -24.76
N ILE A 570 -18.39 15.54 -24.89
CA ILE A 570 -19.24 15.83 -26.05
C ILE A 570 -18.46 16.92 -26.76
N PRO A 571 -17.69 16.62 -27.83
CA PRO A 571 -16.83 17.66 -28.41
C PRO A 571 -17.57 18.97 -28.69
N GLY A 572 -17.02 20.04 -28.09
CA GLY A 572 -17.52 21.40 -28.21
C GLY A 572 -18.79 21.73 -27.46
N ALA A 573 -19.22 20.85 -26.55
CA ALA A 573 -20.43 21.12 -25.79
C ALA A 573 -20.12 21.92 -24.52
N LYS A 574 -21.16 22.61 -23.98
CA LYS A 574 -21.08 23.33 -22.72
C LYS A 574 -20.90 22.30 -21.60
N HIS A 575 -20.04 22.61 -20.62
CA HIS A 575 -19.68 21.70 -19.52
C HIS A 575 -20.89 21.20 -18.71
N GLU A 576 -21.86 22.09 -18.39
CA GLU A 576 -23.04 21.69 -17.60
C GLU A 576 -23.89 20.71 -18.36
N GLU A 577 -23.91 20.82 -19.71
CA GLU A 577 -24.65 19.93 -20.60
C GLU A 577 -24.01 18.54 -20.59
N ILE A 578 -22.66 18.47 -20.58
CA ILE A 578 -21.87 17.23 -20.54
C ILE A 578 -22.16 16.55 -19.24
N LYS A 579 -22.05 17.28 -18.09
CA LYS A 579 -22.31 16.72 -16.76
C LYS A 579 -23.72 16.14 -16.66
N GLU A 580 -24.76 16.92 -17.05
CA GLU A 580 -26.18 16.52 -17.02
C GLU A 580 -26.44 15.30 -17.86
N LYS A 581 -25.92 15.28 -19.11
CA LYS A 581 -26.09 14.17 -20.05
C LYS A 581 -25.41 12.88 -19.52
N ALA A 582 -24.26 13.02 -18.86
CA ALA A 582 -23.51 11.90 -18.30
C ALA A 582 -24.23 11.31 -17.10
N LEU A 583 -24.76 12.16 -16.21
CA LEU A 583 -25.50 11.72 -15.02
C LEU A 583 -26.78 10.96 -15.44
N LYS A 584 -27.51 11.52 -16.43
CA LYS A 584 -28.73 10.99 -17.04
C LYS A 584 -28.42 9.67 -17.73
N PHE A 585 -27.20 9.54 -18.36
CA PHE A 585 -26.75 8.32 -19.05
C PHE A 585 -26.53 7.19 -18.05
N VAL A 586 -25.78 7.45 -16.93
CA VAL A 586 -25.50 6.46 -15.88
C VAL A 586 -26.82 5.91 -15.27
N GLU A 587 -27.80 6.82 -14.98
CA GLU A 587 -29.11 6.49 -14.43
C GLU A 587 -29.84 5.58 -15.43
N TYR A 588 -29.75 5.89 -16.74
CA TYR A 588 -30.39 5.14 -17.82
C TYR A 588 -29.79 3.74 -17.98
N ILE A 589 -28.46 3.64 -18.13
CA ILE A 589 -27.76 2.37 -18.35
C ILE A 589 -28.00 1.40 -17.18
N ASN A 590 -28.00 1.91 -15.93
CA ASN A 590 -28.20 1.11 -14.74
C ASN A 590 -29.62 0.56 -14.68
N SER A 591 -30.58 1.25 -15.33
CA SER A 591 -31.97 0.81 -15.45
C SER A 591 -32.09 -0.29 -16.51
N LYS A 592 -31.10 -0.39 -17.41
CA LYS A 592 -31.04 -1.39 -18.47
C LYS A 592 -30.21 -2.62 -18.01
N LEU A 593 -29.13 -2.41 -17.24
CA LEU A 593 -28.27 -3.48 -16.73
C LEU A 593 -29.00 -4.36 -15.73
N PRO A 594 -28.91 -5.72 -15.88
CA PRO A 594 -29.60 -6.60 -14.92
C PRO A 594 -28.79 -6.83 -13.63
N GLY A 595 -29.51 -7.20 -12.58
CA GLY A 595 -28.91 -7.51 -11.30
C GLY A 595 -28.17 -6.36 -10.66
N LEU A 596 -27.06 -6.72 -9.97
CA LEU A 596 -26.23 -5.78 -9.23
C LEU A 596 -25.07 -5.22 -10.10
N LEU A 597 -25.27 -5.20 -11.46
CA LEU A 597 -24.32 -4.62 -12.44
C LEU A 597 -24.46 -3.11 -12.39
N GLU A 598 -23.39 -2.41 -12.01
CA GLU A 598 -23.55 -0.99 -11.81
C GLU A 598 -22.40 -0.17 -12.38
N LEU A 599 -22.78 0.89 -13.10
CA LEU A 599 -21.90 1.91 -13.65
C LEU A 599 -21.96 3.09 -12.71
N GLU A 600 -20.82 3.77 -12.52
CA GLU A 600 -20.74 4.91 -11.63
C GLU A 600 -20.12 6.09 -12.26
N TYR A 601 -20.70 7.26 -12.00
CA TYR A 601 -20.18 8.54 -12.42
C TYR A 601 -19.10 8.87 -11.40
N GLU A 602 -17.86 8.96 -11.81
CA GLU A 602 -16.77 9.16 -10.88
C GLU A 602 -16.48 10.66 -10.67
N GLY A 603 -16.36 11.43 -11.74
CA GLY A 603 -16.06 12.86 -11.65
C GLY A 603 -16.03 13.58 -12.97
N PHE A 604 -15.78 14.90 -12.92
CA PHE A 604 -15.66 15.80 -14.06
C PHE A 604 -14.32 16.57 -13.97
N TYR A 605 -13.73 16.81 -15.13
CA TYR A 605 -12.46 17.52 -15.28
C TYR A 605 -12.57 18.59 -16.35
N ALA A 606 -12.01 19.77 -16.06
CA ALA A 606 -12.01 20.93 -16.98
C ALA A 606 -11.24 20.58 -18.27
N ARG A 607 -10.07 19.90 -18.13
CA ARG A 607 -9.21 19.43 -19.23
C ARG A 607 -8.45 18.18 -18.88
N GLY A 608 -7.92 17.52 -19.89
CA GLY A 608 -7.10 16.33 -19.70
C GLY A 608 -6.51 15.77 -20.98
N PHE A 609 -5.51 14.92 -20.85
CA PHE A 609 -4.88 14.27 -21.98
C PHE A 609 -4.45 12.88 -21.53
N PHE A 610 -4.35 11.97 -22.48
CA PHE A 610 -4.12 10.56 -22.23
C PHE A 610 -2.99 10.09 -23.09
N VAL A 611 -2.00 9.46 -22.43
CA VAL A 611 -0.79 8.97 -23.08
C VAL A 611 -1.00 7.49 -23.51
N THR A 612 -1.24 6.62 -22.53
CA THR A 612 -1.45 5.18 -22.75
C THR A 612 -2.18 4.64 -21.52
N LYS A 613 -2.25 3.31 -21.39
CA LYS A 613 -2.90 2.60 -20.28
C LYS A 613 -2.33 3.10 -18.96
N LYS A 614 -3.22 3.67 -18.12
CA LYS A 614 -2.95 4.20 -16.78
C LYS A 614 -1.81 5.24 -16.75
N LYS A 615 -1.69 6.04 -17.84
CA LYS A 615 -0.74 7.13 -18.02
C LYS A 615 -1.52 8.29 -18.62
N TYR A 616 -1.93 9.24 -17.76
CA TYR A 616 -2.77 10.38 -18.15
C TYR A 616 -2.75 11.48 -17.09
N ALA A 617 -3.15 12.68 -17.50
CA ALA A 617 -3.19 13.87 -16.65
C ALA A 617 -4.42 14.68 -16.93
N LEU A 618 -5.03 15.18 -15.84
CA LEU A 618 -6.29 15.92 -15.86
C LEU A 618 -6.23 17.11 -14.94
N ILE A 619 -7.20 18.00 -15.04
CA ILE A 619 -7.30 19.16 -14.15
C ILE A 619 -8.78 19.39 -13.86
N ASP A 620 -9.17 19.48 -12.58
CA ASP A 620 -10.59 19.66 -12.29
C ASP A 620 -10.98 21.13 -12.36
N GLU A 621 -12.27 21.42 -12.09
CA GLU A 621 -12.82 22.77 -12.14
C GLU A 621 -12.28 23.69 -11.02
N GLU A 622 -11.69 23.09 -9.96
CA GLU A 622 -11.09 23.85 -8.87
C GLU A 622 -9.59 24.15 -9.16
N GLY A 623 -9.07 23.65 -10.29
CA GLY A 623 -7.69 23.84 -10.73
C GLY A 623 -6.67 22.85 -10.19
N LYS A 624 -7.10 21.71 -9.59
CA LYS A 624 -6.18 20.70 -9.05
C LYS A 624 -5.77 19.70 -10.12
N ILE A 625 -4.46 19.58 -10.39
CA ILE A 625 -3.97 18.61 -11.37
C ILE A 625 -4.00 17.20 -10.76
N VAL A 626 -4.55 16.24 -11.54
CA VAL A 626 -4.69 14.83 -11.20
C VAL A 626 -4.06 13.98 -12.29
N THR A 627 -3.02 13.22 -11.93
CA THR A 627 -2.31 12.36 -12.87
C THR A 627 -2.23 10.93 -12.38
N ARG A 628 -1.92 10.02 -13.32
CA ARG A 628 -1.65 8.60 -13.08
C ARG A 628 -0.49 8.21 -14.01
N GLY A 629 0.54 7.56 -13.45
CA GLY A 629 1.71 7.01 -14.14
C GLY A 629 2.62 7.94 -14.95
N LEU A 630 2.72 9.23 -14.54
CA LEU A 630 3.54 10.20 -15.27
C LEU A 630 4.49 11.03 -14.40
N GLU A 631 4.03 11.58 -13.25
CA GLU A 631 4.84 12.48 -12.42
C GLU A 631 6.03 11.79 -11.77
N ILE A 632 7.17 12.50 -11.71
CA ILE A 632 8.41 11.91 -11.20
C ILE A 632 8.92 12.65 -9.97
N VAL A 633 8.10 12.73 -8.95
CA VAL A 633 8.53 13.37 -7.72
C VAL A 633 9.22 12.28 -6.82
N ARG A 634 10.54 12.15 -6.96
CA ARG A 634 11.45 11.24 -6.24
C ARG A 634 12.86 11.84 -6.22
N ARG A 635 13.62 11.60 -5.12
CA ARG A 635 14.94 12.20 -4.90
C ARG A 635 16.04 11.74 -5.89
N ASP A 636 15.87 10.58 -6.57
CA ASP A 636 16.86 10.07 -7.54
C ASP A 636 16.69 10.67 -8.97
N TRP A 637 15.83 11.69 -9.12
CA TRP A 637 15.67 12.51 -10.33
C TRP A 637 16.07 13.94 -9.98
N SER A 638 16.84 14.63 -10.84
CA SER A 638 17.30 15.99 -10.60
C SER A 638 16.14 16.97 -10.58
N GLU A 639 16.29 18.09 -9.84
CA GLU A 639 15.28 19.14 -9.75
C GLU A 639 14.96 19.74 -11.13
N ILE A 640 15.99 19.93 -11.98
CA ILE A 640 15.80 20.49 -13.32
C ILE A 640 14.78 19.62 -14.11
N ALA A 641 14.86 18.26 -14.01
CA ALA A 641 13.93 17.34 -14.68
C ALA A 641 12.53 17.40 -14.06
N LYS A 642 12.44 17.42 -12.71
CA LYS A 642 11.16 17.47 -12.02
C LYS A 642 10.43 18.84 -12.23
N GLU A 643 11.21 19.96 -12.17
CA GLU A 643 10.72 21.32 -12.38
C GLU A 643 10.18 21.47 -13.83
N THR A 644 10.95 20.97 -14.83
CA THR A 644 10.58 21.09 -16.25
C THR A 644 9.31 20.30 -16.48
N GLN A 645 9.20 19.11 -15.85
CA GLN A 645 8.01 18.28 -16.01
C GLN A 645 6.79 19.00 -15.47
N ALA A 646 6.91 19.61 -14.25
CA ALA A 646 5.82 20.37 -13.61
C ALA A 646 5.38 21.53 -14.49
N LYS A 647 6.36 22.26 -15.07
CA LYS A 647 6.14 23.38 -16.00
C LYS A 647 5.39 22.91 -17.27
N VAL A 648 5.80 21.78 -17.86
CA VAL A 648 5.16 21.17 -19.02
C VAL A 648 3.67 20.82 -18.70
N LEU A 649 3.40 20.15 -17.55
CA LEU A 649 2.02 19.81 -17.15
C LEU A 649 1.20 21.09 -16.90
N GLU A 650 1.82 22.10 -16.27
CA GLU A 650 1.14 23.36 -16.00
C GLU A 650 0.81 24.08 -17.29
N ALA A 651 1.74 24.13 -18.25
CA ALA A 651 1.50 24.82 -19.53
C ALA A 651 0.35 24.15 -20.28
N ILE A 652 0.33 22.81 -20.25
CA ILE A 652 -0.69 22.04 -20.93
C ILE A 652 -2.05 22.16 -20.21
N LEU A 653 -2.12 21.82 -18.91
CA LEU A 653 -3.38 21.76 -18.19
C LEU A 653 -3.88 23.10 -17.69
N LYS A 654 -3.02 23.94 -17.16
CA LYS A 654 -3.46 25.24 -16.65
C LYS A 654 -3.58 26.26 -17.78
N HIS A 655 -2.73 26.18 -18.82
CA HIS A 655 -2.78 27.16 -19.90
C HIS A 655 -3.37 26.62 -21.22
N GLY A 656 -3.65 25.31 -21.27
CA GLY A 656 -4.18 24.65 -22.45
C GLY A 656 -3.28 24.84 -23.66
N ASN A 657 -1.95 25.00 -23.38
CA ASN A 657 -0.92 25.36 -24.36
C ASN A 657 0.27 24.38 -24.51
N VAL A 658 0.15 23.38 -25.41
CA VAL A 658 1.22 22.37 -25.65
C VAL A 658 2.43 23.05 -26.34
N ASP A 659 2.17 24.10 -27.10
CA ASP A 659 3.20 24.87 -27.76
C ASP A 659 4.12 25.54 -26.74
N GLU A 660 3.53 26.03 -25.62
CA GLU A 660 4.30 26.63 -24.53
C GLU A 660 5.17 25.56 -23.86
N ALA A 661 4.59 24.33 -23.67
CA ALA A 661 5.26 23.20 -23.05
C ALA A 661 6.52 22.79 -23.84
N VAL A 662 6.40 22.69 -25.20
CA VAL A 662 7.49 22.33 -26.13
C VAL A 662 8.58 23.41 -26.05
N LYS A 663 8.18 24.69 -25.99
CA LYS A 663 9.12 25.79 -25.89
C LYS A 663 9.86 25.79 -24.54
N ILE A 664 9.19 25.35 -23.45
CA ILE A 664 9.82 25.27 -22.12
C ILE A 664 10.96 24.24 -22.17
N VAL A 665 10.70 23.06 -22.79
CA VAL A 665 11.67 21.97 -22.90
C VAL A 665 12.88 22.42 -23.75
N LYS A 666 12.60 23.05 -24.91
CA LYS A 666 13.60 23.57 -25.80
C LYS A 666 14.51 24.60 -25.09
N GLU A 667 13.91 25.53 -24.28
CA GLU A 667 14.66 26.55 -23.54
C GLU A 667 15.51 25.91 -22.45
N VAL A 668 14.96 24.93 -21.70
CA VAL A 668 15.72 24.26 -20.63
C VAL A 668 16.96 23.52 -21.19
N THR A 669 16.79 22.76 -22.28
CA THR A 669 17.87 22.00 -22.92
C THR A 669 18.98 22.96 -23.42
N GLU A 670 18.60 24.11 -24.04
CA GLU A 670 19.59 25.10 -24.50
C GLU A 670 20.38 25.66 -23.31
N LYS A 671 19.68 26.04 -22.22
CA LYS A 671 20.28 26.56 -20.98
C LYS A 671 21.24 25.53 -20.39
N LEU A 672 20.89 24.22 -20.44
CA LEU A 672 21.75 23.16 -19.93
C LEU A 672 23.04 23.07 -20.76
N SER A 673 22.91 23.17 -22.12
CA SER A 673 24.02 23.10 -23.08
C SER A 673 25.02 24.24 -22.91
N LYS A 674 24.52 25.45 -22.53
CA LYS A 674 25.29 26.68 -22.38
C LYS A 674 25.70 26.93 -20.90
N TYR A 675 25.57 25.89 -20.03
CA TYR A 675 25.93 25.87 -18.60
C TYR A 675 25.30 27.06 -17.84
N GLU A 676 24.03 27.32 -18.13
CA GLU A 676 23.23 28.40 -17.54
C GLU A 676 22.30 27.88 -16.40
N ILE A 677 22.30 26.56 -16.15
CA ILE A 677 21.48 25.99 -15.09
C ILE A 677 22.27 25.89 -13.77
N PRO A 678 21.72 26.40 -12.64
CA PRO A 678 22.41 26.28 -11.36
C PRO A 678 22.78 24.85 -10.99
N PRO A 679 24.03 24.56 -10.53
CA PRO A 679 24.40 23.18 -10.15
C PRO A 679 23.50 22.51 -9.11
N GLU A 680 22.82 23.30 -8.27
CA GLU A 680 21.93 22.80 -7.20
C GLU A 680 20.71 22.06 -7.76
N LYS A 681 20.31 22.39 -8.98
CA LYS A 681 19.16 21.79 -9.65
C LYS A 681 19.61 20.51 -10.40
N LEU A 682 20.90 20.13 -10.25
CA LEU A 682 21.46 18.96 -10.92
C LEU A 682 21.86 17.81 -9.99
N VAL A 683 21.66 18.00 -8.69
CA VAL A 683 22.01 17.01 -7.68
C VAL A 683 21.02 15.88 -7.75
N ILE A 684 21.58 14.64 -7.75
CA ILE A 684 20.87 13.35 -7.73
C ILE A 684 21.14 12.72 -6.38
N TYR A 685 20.09 12.22 -5.70
CA TYR A 685 20.20 11.59 -4.39
C TYR A 685 19.82 10.12 -4.46
N GLU A 686 20.69 9.22 -3.94
CA GLU A 686 20.43 7.78 -3.88
C GLU A 686 20.96 7.23 -2.56
N GLN A 687 20.15 6.41 -1.91
CA GLN A 687 20.52 5.83 -0.64
C GLN A 687 21.48 4.63 -0.79
N ILE A 688 22.39 4.47 0.20
CA ILE A 688 23.24 3.29 0.39
C ILE A 688 22.36 2.34 1.22
N THR A 689 22.15 1.10 0.75
CA THR A 689 21.23 0.16 1.41
C THR A 689 21.89 -1.07 2.03
N ARG A 690 23.21 -1.19 1.91
CA ARG A 690 24.00 -2.33 2.43
C ARG A 690 25.48 -1.93 2.65
N PRO A 691 26.34 -2.75 3.28
CA PRO A 691 27.76 -2.40 3.34
C PRO A 691 28.30 -2.31 1.92
N LEU A 692 29.18 -1.34 1.67
CA LEU A 692 29.68 -1.04 0.32
C LEU A 692 30.29 -2.24 -0.39
N SER A 693 30.91 -3.17 0.37
CA SER A 693 31.52 -4.39 -0.15
C SER A 693 30.50 -5.39 -0.75
N GLU A 694 29.22 -5.33 -0.31
CA GLU A 694 28.15 -6.24 -0.75
C GLU A 694 27.55 -5.90 -2.16
N TYR A 695 27.88 -4.71 -2.74
CA TYR A 695 27.35 -4.33 -4.04
C TYR A 695 27.97 -5.17 -5.17
N LYS A 696 27.11 -5.64 -6.06
CA LYS A 696 27.42 -6.45 -7.26
C LYS A 696 27.54 -5.54 -8.49
N ALA A 697 26.76 -4.44 -8.52
CA ALA A 697 26.80 -3.46 -9.59
C ALA A 697 27.05 -2.08 -8.95
N ILE A 698 28.13 -1.41 -9.37
CA ILE A 698 28.54 -0.15 -8.78
C ILE A 698 27.95 1.04 -9.57
N GLY A 699 26.84 1.55 -9.09
CA GLY A 699 26.22 2.73 -9.68
C GLY A 699 26.93 4.00 -9.24
N PRO A 700 26.68 5.16 -9.91
CA PRO A 700 27.38 6.41 -9.55
C PRO A 700 27.42 6.74 -8.05
N HIS A 701 26.31 6.50 -7.30
CA HIS A 701 26.25 6.81 -5.85
C HIS A 701 27.14 5.89 -5.06
N VAL A 702 27.40 4.65 -5.55
CA VAL A 702 28.29 3.70 -4.88
C VAL A 702 29.73 4.10 -5.17
N ALA A 703 30.01 4.49 -6.42
CA ALA A 703 31.34 4.97 -6.79
C ALA A 703 31.71 6.17 -5.92
N VAL A 704 30.76 7.11 -5.72
CA VAL A 704 30.92 8.32 -4.89
C VAL A 704 31.11 7.90 -3.44
N ALA A 705 30.27 6.93 -2.96
CA ALA A 705 30.31 6.43 -1.59
C ALA A 705 31.65 5.82 -1.24
N LYS A 706 32.20 5.01 -2.16
CA LYS A 706 33.46 4.31 -1.92
C LYS A 706 34.60 5.31 -1.71
N ARG A 707 34.60 6.42 -2.49
CA ARG A 707 35.59 7.49 -2.36
C ARG A 707 35.43 8.19 -1.01
N LEU A 708 34.17 8.39 -0.54
CA LEU A 708 33.88 9.01 0.75
C LEU A 708 34.44 8.12 1.87
N ALA A 709 34.19 6.80 1.83
CA ALA A 709 34.68 5.86 2.83
C ALA A 709 36.22 5.82 2.85
N ALA A 710 36.84 5.98 1.64
CA ALA A 710 38.30 6.02 1.44
C ALA A 710 38.92 7.26 2.09
N LYS A 711 38.13 8.33 2.23
CA LYS A 711 38.54 9.59 2.85
C LYS A 711 38.34 9.53 4.37
N GLY A 712 37.75 8.45 4.87
CA GLY A 712 37.47 8.24 6.28
C GLY A 712 36.04 8.47 6.70
N VAL A 713 35.11 8.69 5.74
CA VAL A 713 33.68 8.91 6.08
C VAL A 713 33.03 7.55 6.48
N LYS A 714 32.32 7.49 7.64
CA LYS A 714 31.65 6.24 8.05
C LYS A 714 30.42 6.08 7.19
N VAL A 715 30.56 5.35 6.07
CA VAL A 715 29.42 5.13 5.16
C VAL A 715 28.63 3.94 5.71
N LYS A 716 27.30 4.12 5.88
CA LYS A 716 26.43 3.11 6.45
C LYS A 716 25.13 2.98 5.69
N PRO A 717 24.45 1.80 5.71
CA PRO A 717 23.13 1.72 5.06
C PRO A 717 22.18 2.79 5.63
N GLY A 718 21.43 3.45 4.77
CA GLY A 718 20.54 4.53 5.19
C GLY A 718 21.03 5.90 4.77
N MET A 719 22.37 6.05 4.64
CA MET A 719 22.99 7.30 4.21
C MET A 719 22.63 7.54 2.76
N VAL A 720 22.15 8.76 2.47
CA VAL A 720 21.71 9.23 1.14
C VAL A 720 22.83 10.05 0.50
N ILE A 721 23.36 9.54 -0.62
CA ILE A 721 24.45 10.16 -1.38
C ILE A 721 23.92 11.15 -2.46
N GLY A 722 24.39 12.39 -2.37
CA GLY A 722 24.10 13.45 -3.34
C GLY A 722 25.27 13.57 -4.28
N TYR A 723 25.01 13.57 -5.59
CA TYR A 723 26.09 13.69 -6.57
C TYR A 723 25.62 14.44 -7.83
N ILE A 724 26.62 14.86 -8.61
CA ILE A 724 26.45 15.53 -9.89
C ILE A 724 27.25 14.74 -10.91
N VAL A 725 26.67 14.55 -12.12
CA VAL A 725 27.30 13.85 -13.22
C VAL A 725 28.15 14.87 -13.99
N LEU A 726 29.45 14.61 -14.09
CA LEU A 726 30.36 15.51 -14.79
C LEU A 726 30.59 15.06 -16.20
N ARG A 727 31.03 16.01 -17.05
CA ARG A 727 31.34 15.77 -18.46
C ARG A 727 32.56 14.81 -18.57
N GLY A 728 32.50 13.90 -19.53
CA GLY A 728 33.59 12.96 -19.75
C GLY A 728 33.28 11.69 -20.52
N ASP A 729 34.29 10.80 -20.61
CA ASP A 729 34.20 9.53 -21.32
C ASP A 729 33.73 8.38 -20.39
N GLY A 730 32.95 7.46 -20.97
CA GLY A 730 32.47 6.25 -20.33
C GLY A 730 31.20 6.30 -19.50
N PRO A 731 30.99 5.24 -18.66
CA PRO A 731 29.77 5.19 -17.82
C PRO A 731 29.77 6.30 -16.75
N ILE A 732 28.55 6.75 -16.40
CA ILE A 732 28.32 7.86 -15.48
C ILE A 732 28.91 7.56 -14.12
N SER A 733 29.17 6.27 -13.80
CA SER A 733 29.74 5.81 -12.53
C SER A 733 31.12 6.41 -12.28
N LYS A 734 31.91 6.51 -13.35
CA LYS A 734 33.27 7.01 -13.27
C LYS A 734 33.33 8.58 -13.36
N ARG A 735 32.18 9.25 -13.54
CA ARG A 735 32.18 10.71 -13.68
C ARG A 735 31.28 11.43 -12.68
N ALA A 736 30.74 10.70 -11.72
CA ALA A 736 29.91 11.32 -10.71
C ALA A 736 30.79 11.88 -9.61
N ILE A 737 30.42 13.05 -9.09
CA ILE A 737 31.16 13.71 -8.00
C ILE A 737 30.21 13.97 -6.85
N ALA A 738 30.71 13.83 -5.60
CA ALA A 738 29.95 14.15 -4.38
C ALA A 738 29.57 15.61 -4.41
N ILE A 739 28.30 15.96 -4.10
CA ILE A 739 27.82 17.35 -4.13
C ILE A 739 28.71 18.26 -3.27
N GLU A 740 29.19 17.78 -2.09
CA GLU A 740 30.09 18.55 -1.22
C GLU A 740 31.46 18.82 -1.89
N GLU A 741 31.90 18.03 -2.87
CA GLU A 741 33.17 18.19 -3.60
C GLU A 741 33.06 19.02 -4.90
N PHE A 742 31.81 19.32 -5.34
CA PHE A 742 31.59 20.07 -6.59
C PHE A 742 32.06 21.52 -6.44
N ASP A 743 32.94 21.94 -7.38
CA ASP A 743 33.53 23.27 -7.48
C ASP A 743 33.10 23.87 -8.85
N PRO A 744 32.11 24.81 -8.87
CA PRO A 744 31.62 25.35 -10.17
C PRO A 744 32.70 25.98 -11.03
N LYS A 745 33.77 26.50 -10.38
CA LYS A 745 34.91 27.15 -11.01
C LYS A 745 35.90 26.14 -11.60
N LYS A 746 35.75 24.84 -11.26
CA LYS A 746 36.66 23.81 -11.75
C LYS A 746 35.92 22.69 -12.51
N HIS A 747 34.77 22.21 -11.97
CA HIS A 747 34.04 21.08 -12.53
C HIS A 747 32.94 21.48 -13.49
N LYS A 748 32.82 20.75 -14.63
CA LYS A 748 31.80 20.97 -15.67
C LYS A 748 30.81 19.80 -15.71
N TYR A 749 29.53 20.06 -15.40
CA TYR A 749 28.48 19.04 -15.40
C TYR A 749 28.22 18.51 -16.83
N ASP A 750 27.68 17.29 -16.93
CA ASP A 750 27.39 16.64 -18.22
C ASP A 750 26.02 17.09 -18.76
N ALA A 751 26.01 18.14 -19.62
CA ALA A 751 24.80 18.70 -20.23
C ALA A 751 24.04 17.64 -21.05
N GLU A 752 24.74 16.75 -21.80
CA GLU A 752 24.11 15.69 -22.62
C GLU A 752 23.38 14.69 -21.72
N TYR A 753 23.98 14.34 -20.55
CA TYR A 753 23.35 13.45 -19.58
C TYR A 753 22.10 14.11 -19.01
N TYR A 754 22.22 15.38 -18.55
CA TYR A 754 21.07 16.06 -17.95
C TYR A 754 19.97 16.31 -18.99
N ILE A 755 20.32 16.42 -20.28
CA ILE A 755 19.32 16.60 -21.33
C ILE A 755 18.67 15.25 -21.66
N GLU A 756 19.47 14.26 -22.11
CA GLU A 756 18.99 12.95 -22.61
C GLU A 756 18.52 11.97 -21.56
N ASN A 757 19.11 12.00 -20.37
CA ASN A 757 18.76 11.04 -19.35
C ASN A 757 17.92 11.65 -18.25
N GLN A 758 17.78 12.99 -18.19
CA GLN A 758 17.00 13.59 -17.11
C GLN A 758 15.77 14.35 -17.62
N VAL A 759 15.98 15.49 -18.26
CA VAL A 759 14.91 16.37 -18.73
C VAL A 759 14.06 15.70 -19.80
N LEU A 760 14.68 15.19 -20.90
CA LEU A 760 13.90 14.59 -22.01
C LEU A 760 13.05 13.35 -21.55
N PRO A 761 13.55 12.31 -20.80
CA PRO A 761 12.65 11.26 -20.36
C PRO A 761 11.52 11.78 -19.47
N ALA A 762 11.75 12.85 -18.68
CA ALA A 762 10.71 13.39 -17.79
C ALA A 762 9.54 13.96 -18.58
N VAL A 763 9.76 14.51 -19.79
CA VAL A 763 8.70 15.13 -20.55
C VAL A 763 8.27 14.37 -21.81
N GLU A 764 9.10 13.46 -22.36
CA GLU A 764 8.82 12.81 -23.64
C GLU A 764 7.52 11.98 -23.67
N ARG A 765 7.17 11.29 -22.55
CA ARG A 765 5.93 10.50 -22.50
C ARG A 765 4.74 11.42 -22.62
N ILE A 766 4.74 12.54 -21.87
CA ILE A 766 3.67 13.52 -21.85
C ILE A 766 3.46 14.06 -23.25
N LEU A 767 4.53 14.53 -23.91
CA LEU A 767 4.41 15.19 -25.22
C LEU A 767 4.20 14.22 -26.40
N ARG A 768 4.29 12.90 -26.17
CA ARG A 768 4.03 11.84 -27.16
C ARG A 768 2.52 11.84 -27.44
N ALA A 769 1.70 12.25 -26.45
CA ALA A 769 0.24 12.34 -26.55
C ALA A 769 -0.18 13.44 -27.49
N PHE A 770 0.76 14.31 -27.87
CA PHE A 770 0.50 15.46 -28.75
C PHE A 770 1.27 15.33 -30.07
N GLY A 771 1.78 14.13 -30.35
CA GLY A 771 2.47 13.79 -31.59
C GLY A 771 3.93 14.16 -31.66
N TYR A 772 4.55 14.47 -30.53
CA TYR A 772 5.97 14.84 -30.53
C TYR A 772 6.86 13.64 -30.18
N ARG A 773 8.02 13.57 -30.84
CA ARG A 773 9.05 12.59 -30.51
C ARG A 773 10.16 13.36 -29.72
N LYS A 774 10.99 12.63 -28.96
CA LYS A 774 12.11 13.14 -28.15
C LYS A 774 13.03 14.11 -28.94
N GLU A 775 13.19 13.91 -30.28
CA GLU A 775 14.07 14.71 -31.16
C GLU A 775 13.46 16.09 -31.56
N ASP A 776 12.13 16.30 -31.38
CA ASP A 776 11.51 17.57 -31.75
C ASP A 776 11.47 18.56 -30.57
N LEU A 777 12.07 18.18 -29.42
CA LEU A 777 12.04 18.97 -28.19
C LEU A 777 13.37 19.72 -27.92
N LYS A 778 14.12 20.02 -29.00
CA LYS A 778 15.41 20.74 -28.97
C LYS A 778 15.48 21.73 -30.13
N TYR A 779 16.31 22.81 -30.01
CA TYR A 779 16.44 23.79 -31.09
C TYR A 779 17.18 23.22 -32.31
#